data_8YIE
#
_entry.id   8YIE
#
_cell.length_a   51.364
_cell.length_b   66.190
_cell.length_c   148.060
_cell.angle_alpha   90.00
_cell.angle_beta   95.74
_cell.angle_gamma   90.00
#
_symmetry.space_group_name_H-M   'P 1 21 1'
#
loop_
_entity.id
_entity.type
_entity.pdbx_description
1 polymer Alpha-glucosidase
2 branched 4,6-dideoxy-4-{[(1S,4R,5S,6S)-4,5,6-trihydroxy-3-(hydroxymethyl)cyclohex-2-en-1-yl]amino}-alpha-D-glucopyranose-(1-4)-alpha-D-glucopyranose-(1-4)-alpha-D-glucopyranose
3 water water
#
_entity_poly.entity_id   1
_entity_poly.type   'polypeptide(L)'
_entity_poly.pdbx_seq_one_letter_code
;AFSWRDAVVYQVYLRSFRDANGDGIGDLGGLSQGLDAIAALGCDAIWLNPCYASPQRDHGYDIADYLTIDPAYGTLEEFD
EVVRRAHELGLRVLMDMVANHCSSDHAWFQAALAAEPGSDERARFIFRDGLGPDGELPPNNWDSVFGGLAWTRVTERDGR
PGQWYLHSFDTSQPDFDWRHPAVAEHFENVLRFWFERGVDGFRIDVAHGHFKDAALPDHPGGRGPDAGHNHGMWDQPEVH
DLYRSWRALGDAYEPEKYFVGEIWVPSPDRLADYLRPDELHNAFSFDLLVQPWNADRFRKAIETGLAVGRGWPAWTLANH
DVHRAVTRYGQEQPLDEALPTDMIAAARRRGPADLDRGLRRARAAAALALALPGSMYLYQGEELGLPEVLDLPDAARQDP
IWTRSNGTELGRDGCRIPLPWTREGRTFGFSDAAAATTWLPQPAWFGAFARATQAADPDSMLSLHRDLLATRRTHLRGTE
PIVWLSPAGAEVLAFRRGDVVVVTNFGSAPFTPPSAWGALSPLLASQPLTGSATVPPETTVWSRLHRGVA
;
_entity_poly.pdbx_strand_id   A,B
#
# COMPACT_ATOMS: atom_id res chain seq x y z
N ALA A 1 2.80 40.30 26.31
CA ALA A 1 3.22 40.31 24.91
C ALA A 1 3.90 39.00 24.54
N PHE A 2 3.67 38.57 23.30
CA PHE A 2 4.24 37.34 22.79
C PHE A 2 5.75 37.38 22.83
N SER A 3 6.37 36.23 23.12
CA SER A 3 7.82 36.08 23.03
C SER A 3 8.16 34.68 22.56
N TRP A 4 9.09 34.59 21.62
CA TRP A 4 9.55 33.27 21.19
C TRP A 4 10.22 32.51 22.32
N ARG A 5 10.70 33.24 23.34
CA ARG A 5 11.41 32.62 24.44
C ARG A 5 10.57 31.54 25.11
N ASP A 6 9.28 31.78 25.31
CA ASP A 6 8.44 30.81 25.99
C ASP A 6 7.17 30.49 25.21
N ALA A 7 7.23 30.61 23.87
CA ALA A 7 6.09 30.24 23.04
C ALA A 7 5.73 28.77 23.21
N VAL A 8 4.43 28.48 23.23
CA VAL A 8 3.95 27.11 23.07
C VAL A 8 3.46 26.97 21.64
N VAL A 9 4.11 26.08 20.88
CA VAL A 9 3.88 25.95 19.45
C VAL A 9 3.14 24.65 19.19
N TYR A 10 1.99 24.76 18.52
CA TYR A 10 1.21 23.59 18.12
C TYR A 10 1.69 23.10 16.76
N GLN A 11 2.18 21.86 16.69
CA GLN A 11 2.67 21.33 15.42
C GLN A 11 1.51 20.73 14.64
N VAL A 12 1.19 21.34 13.49
CA VAL A 12 0.05 20.93 12.67
C VAL A 12 0.58 20.06 11.53
N TYR A 13 0.27 18.76 11.59
CA TYR A 13 0.54 17.83 10.50
C TYR A 13 -0.70 17.87 9.61
N LEU A 14 -0.69 18.78 8.63
CA LEU A 14 -1.91 19.23 7.96
C LEU A 14 -2.71 18.07 7.38
N ARG A 15 -2.02 17.10 6.77
CA ARG A 15 -2.69 15.96 6.13
C ARG A 15 -3.59 15.20 7.10
N SER A 16 -3.31 15.26 8.40
CA SER A 16 -4.06 14.48 9.38
C SER A 16 -4.74 15.32 10.44
N PHE A 17 -4.88 16.63 10.24
CA PHE A 17 -5.51 17.49 11.25
C PHE A 17 -7.02 17.48 11.06
N ARG A 18 -7.51 18.06 9.96
CA ARG A 18 -8.95 18.10 9.72
C ARG A 18 -9.22 18.24 8.21
N ASP A 19 -10.19 17.48 7.73
CA ASP A 19 -10.55 17.41 6.30
C ASP A 19 -11.84 18.19 6.06
N ALA A 20 -11.73 19.35 5.41
CA ALA A 20 -12.91 20.17 5.20
C ALA A 20 -13.67 19.84 3.92
N ASN A 21 -13.08 19.15 2.96
CA ASN A 21 -13.78 18.96 1.69
C ASN A 21 -14.11 17.50 1.38
N GLY A 22 -13.86 16.59 2.30
CA GLY A 22 -14.44 15.26 2.21
C GLY A 22 -13.68 14.26 1.36
N ASP A 23 -12.43 14.54 1.00
CA ASP A 23 -11.66 13.57 0.23
C ASP A 23 -10.78 12.67 1.09
N GLY A 24 -10.89 12.75 2.42
CA GLY A 24 -10.09 11.93 3.31
C GLY A 24 -8.72 12.49 3.63
N ILE A 25 -8.39 13.67 3.11
CA ILE A 25 -7.07 14.28 3.26
C ILE A 25 -7.23 15.59 4.03
N GLY A 26 -6.49 15.77 5.11
CA GLY A 26 -6.54 17.03 5.82
C GLY A 26 -6.10 18.18 4.94
N ASP A 27 -6.67 19.38 5.17
CA ASP A 27 -6.42 20.48 4.25
C ASP A 27 -6.44 21.82 5.00
N LEU A 28 -6.27 22.90 4.24
CA LEU A 28 -6.22 24.23 4.87
C LEU A 28 -7.59 24.67 5.37
N GLY A 29 -8.67 24.29 4.68
CA GLY A 29 -9.99 24.61 5.20
C GLY A 29 -10.25 23.93 6.52
N GLY A 30 -9.74 22.71 6.69
CA GLY A 30 -9.85 22.03 7.97
C GLY A 30 -9.04 22.71 9.07
N LEU A 31 -7.83 23.15 8.76
CA LEU A 31 -7.06 23.90 9.75
C LEU A 31 -7.79 25.18 10.13
N SER A 32 -8.33 25.90 9.14
CA SER A 32 -9.09 27.11 9.44
C SER A 32 -10.21 26.83 10.44
N GLN A 33 -10.92 25.72 10.25
CA GLN A 33 -11.98 25.31 11.17
C GLN A 33 -11.46 24.99 12.57
N GLY A 34 -10.17 24.68 12.70
CA GLY A 34 -9.64 24.29 13.98
C GLY A 34 -8.73 25.31 14.64
N LEU A 35 -8.53 26.47 13.99
CA LEU A 35 -7.64 27.48 14.59
C LEU A 35 -8.17 27.94 15.95
N ASP A 36 -9.48 28.09 16.06
CA ASP A 36 -10.08 28.52 17.32
C ASP A 36 -9.73 27.55 18.43
N ALA A 37 -9.75 26.24 18.13
CA ALA A 37 -9.49 25.24 19.15
C ALA A 37 -8.03 25.26 19.59
N ILE A 38 -7.11 25.49 18.65
CA ILE A 38 -5.69 25.60 19.00
C ILE A 38 -5.47 26.81 19.89
N ALA A 39 -6.06 27.95 19.54
CA ALA A 39 -5.89 29.14 20.36
C ALA A 39 -6.54 28.97 21.73
N ALA A 40 -7.73 28.36 21.75
CA ALA A 40 -8.41 28.11 23.02
C ALA A 40 -7.61 27.18 23.92
N LEU A 41 -6.89 26.23 23.33
CA LEU A 41 -6.09 25.30 24.14
C LEU A 41 -5.02 26.05 24.92
N GLY A 42 -4.49 27.12 24.34
CA GLY A 42 -3.53 27.95 25.03
C GLY A 42 -2.22 28.05 24.30
N CYS A 43 -2.20 27.74 23.01
CA CYS A 43 -0.98 27.84 22.23
C CYS A 43 -0.77 29.26 21.72
N ASP A 44 0.50 29.58 21.46
CA ASP A 44 0.96 30.90 21.01
C ASP A 44 1.36 30.92 19.54
N ALA A 45 1.47 29.75 18.90
CA ALA A 45 1.97 29.71 17.54
C ALA A 45 1.63 28.35 16.96
N ILE A 46 1.68 28.25 15.63
CA ILE A 46 1.57 26.97 14.94
C ILE A 46 2.79 26.78 14.04
N TRP A 47 3.21 25.52 13.89
CA TRP A 47 4.19 25.15 12.87
C TRP A 47 3.51 24.15 11.95
N LEU A 48 3.46 24.49 10.65
CA LEU A 48 2.86 23.59 9.65
C LEU A 48 3.92 22.71 9.01
N ASN A 49 3.73 21.39 9.10
CA ASN A 49 4.52 20.49 8.28
C ASN A 49 4.35 20.84 6.80
N PRO A 50 5.29 20.47 5.93
CA PRO A 50 5.31 21.02 4.56
C PRO A 50 4.02 20.78 3.79
N CYS A 51 3.50 21.86 3.20
CA CYS A 51 2.23 21.81 2.48
C CYS A 51 2.39 22.35 1.06
N TYR A 52 3.63 22.39 0.57
CA TYR A 52 3.96 22.78 -0.79
C TYR A 52 3.59 21.67 -1.77
N ALA A 53 3.58 22.00 -3.06
CA ALA A 53 3.32 20.98 -4.06
C ALA A 53 4.30 19.82 -3.91
N SER A 54 3.78 18.60 -3.84
CA SER A 54 4.58 17.41 -3.55
C SER A 54 3.83 16.18 -4.01
N PRO A 55 4.50 15.20 -4.64
CA PRO A 55 3.84 13.92 -4.94
C PRO A 55 3.62 13.05 -3.71
N GLN A 56 4.06 13.47 -2.52
CA GLN A 56 3.79 12.86 -1.23
C GLN A 56 4.51 11.52 -1.03
N ARG A 57 5.62 11.28 -1.73
CA ARG A 57 6.35 10.03 -1.50
C ARG A 57 7.03 10.02 -0.13
N ASP A 58 7.31 11.19 0.43
CA ASP A 58 7.67 11.38 1.84
C ASP A 58 6.76 12.44 2.45
N HIS A 59 5.50 12.45 1.99
CA HIS A 59 4.39 13.17 2.61
C HIS A 59 4.76 14.62 2.94
N GLY A 60 5.20 15.30 1.88
CA GLY A 60 5.44 16.72 1.89
C GLY A 60 6.91 17.10 1.97
N TYR A 61 7.75 16.19 2.46
CA TYR A 61 9.17 16.50 2.52
C TYR A 61 9.89 16.19 1.22
N ASP A 62 9.17 15.76 0.18
CA ASP A 62 9.66 15.71 -1.19
C ASP A 62 8.95 16.79 -2.00
N ILE A 63 9.54 17.98 -2.10
CA ILE A 63 8.85 19.16 -2.61
C ILE A 63 9.11 19.31 -4.11
N ALA A 64 8.03 19.46 -4.88
CA ALA A 64 8.16 19.66 -6.33
C ALA A 64 8.22 21.14 -6.72
N ASP A 65 7.72 22.05 -5.88
CA ASP A 65 7.75 23.48 -6.17
C ASP A 65 7.60 24.25 -4.85
N TYR A 66 8.63 25.03 -4.50
CA TYR A 66 8.69 25.62 -3.17
C TYR A 66 7.84 26.89 -3.03
N LEU A 67 7.28 27.40 -4.13
CA LEU A 67 6.53 28.66 -4.09
C LEU A 67 5.03 28.42 -4.27
N THR A 68 4.55 27.25 -3.86
CA THR A 68 3.18 26.83 -4.07
C THR A 68 2.58 26.25 -2.81
N ILE A 69 1.27 26.08 -2.83
CA ILE A 69 0.54 25.20 -1.93
C ILE A 69 0.11 24.00 -2.76
N ASP A 70 0.24 22.80 -2.18
CA ASP A 70 -0.24 21.63 -2.90
C ASP A 70 -1.74 21.74 -3.16
N PRO A 71 -2.21 21.45 -4.39
CA PRO A 71 -3.64 21.66 -4.68
C PRO A 71 -4.57 20.88 -3.78
N ALA A 72 -4.14 19.73 -3.26
CA ALA A 72 -4.99 18.98 -2.35
C ALA A 72 -5.23 19.73 -1.05
N TYR A 73 -4.32 20.61 -0.67
CA TYR A 73 -4.46 21.32 0.59
C TYR A 73 -5.17 22.65 0.43
N GLY A 74 -5.17 23.23 -0.77
CA GLY A 74 -5.85 24.48 -1.03
C GLY A 74 -5.05 25.34 -1.99
N THR A 75 -5.38 26.62 -2.04
CA THR A 75 -4.72 27.57 -2.91
C THR A 75 -3.87 28.54 -2.09
N LEU A 76 -3.02 29.29 -2.79
CA LEU A 76 -2.22 30.31 -2.11
C LEU A 76 -3.11 31.33 -1.41
N GLU A 77 -4.23 31.72 -2.02
CA GLU A 77 -5.11 32.70 -1.39
C GLU A 77 -5.83 32.11 -0.17
N GLU A 78 -6.16 30.80 -0.19
CA GLU A 78 -6.66 30.18 1.03
C GLU A 78 -5.59 30.13 2.12
N PHE A 79 -4.32 29.88 1.75
CA PHE A 79 -3.24 29.95 2.73
C PHE A 79 -3.16 31.34 3.36
N ASP A 80 -3.19 32.38 2.52
CA ASP A 80 -3.17 33.76 3.03
C ASP A 80 -4.27 34.00 4.06
N GLU A 81 -5.47 33.47 3.80
CA GLU A 81 -6.54 33.65 4.76
C GLU A 81 -6.29 32.89 6.05
N VAL A 82 -5.68 31.70 5.97
CA VAL A 82 -5.31 30.97 7.18
C VAL A 82 -4.31 31.77 8.01
N VAL A 83 -3.32 32.38 7.35
CA VAL A 83 -2.32 33.17 8.09
C VAL A 83 -2.98 34.38 8.74
N ARG A 84 -3.83 35.08 7.99
CA ARG A 84 -4.53 36.21 8.59
C ARG A 84 -5.36 35.78 9.79
N ARG A 85 -6.09 34.67 9.67
CA ARG A 85 -6.91 34.24 10.80
C ARG A 85 -6.06 33.80 11.99
N ALA A 86 -4.95 33.10 11.72
CA ALA A 86 -4.06 32.72 12.82
C ALA A 86 -3.51 33.96 13.52
N HIS A 87 -3.06 34.94 12.73
CA HIS A 87 -2.57 36.19 13.33
C HIS A 87 -3.66 36.89 14.14
N GLU A 88 -4.90 36.89 13.65
CA GLU A 88 -5.99 37.54 14.37
C GLU A 88 -6.25 36.88 15.72
N LEU A 89 -5.98 35.59 15.84
CA LEU A 89 -6.08 34.89 17.11
C LEU A 89 -4.83 35.00 17.96
N GLY A 90 -3.83 35.76 17.53
CA GLY A 90 -2.60 35.92 18.29
C GLY A 90 -1.55 34.87 18.02
N LEU A 91 -1.78 33.98 17.07
CA LEU A 91 -0.86 32.89 16.77
C LEU A 91 0.19 33.32 15.76
N ARG A 92 1.46 33.02 16.04
CA ARG A 92 2.48 33.15 15.01
C ARG A 92 2.48 31.88 14.17
N VAL A 93 3.06 31.96 12.97
CA VAL A 93 3.02 30.87 11.97
C VAL A 93 4.45 30.53 11.56
N LEU A 94 4.84 29.27 11.76
CA LEU A 94 6.10 28.75 11.25
C LEU A 94 5.82 27.80 10.10
N MET A 95 6.59 27.95 9.02
CA MET A 95 6.58 27.02 7.90
C MET A 95 7.80 26.12 8.00
N ASP A 96 7.85 25.10 7.12
CA ASP A 96 8.89 24.09 7.16
C ASP A 96 9.84 24.31 5.98
N MET A 97 11.11 24.54 6.29
CA MET A 97 12.13 24.70 5.25
C MET A 97 12.81 23.36 5.02
N VAL A 98 12.70 22.86 3.78
CA VAL A 98 13.23 21.54 3.42
C VAL A 98 14.22 21.76 2.27
N ALA A 99 15.43 22.14 2.64
CA ALA A 99 16.40 22.61 1.65
C ALA A 99 17.55 21.63 1.42
N ASN A 100 17.57 20.50 2.12
CA ASN A 100 18.62 19.51 1.85
C ASN A 100 18.37 18.79 0.53
N HIS A 101 17.12 18.68 0.12
CA HIS A 101 16.75 17.84 -1.01
C HIS A 101 15.41 18.33 -1.53
N CYS A 102 15.09 17.94 -2.76
CA CYS A 102 13.78 18.24 -3.33
C CYS A 102 13.19 16.95 -3.90
N SER A 103 11.94 17.02 -4.37
CA SER A 103 11.35 15.89 -5.07
C SER A 103 12.04 15.68 -6.42
N SER A 104 12.15 14.41 -6.85
CA SER A 104 12.62 14.19 -8.20
C SER A 104 11.68 14.79 -9.26
N ASP A 105 10.44 15.13 -8.87
CA ASP A 105 9.49 15.82 -9.76
C ASP A 105 9.78 17.31 -9.93
N HIS A 106 10.69 17.88 -9.14
CA HIS A 106 11.04 19.29 -9.28
C HIS A 106 11.59 19.56 -10.68
N ALA A 107 11.26 20.74 -11.22
CA ALA A 107 11.71 21.09 -12.57
C ALA A 107 13.24 20.98 -12.70
N TRP A 108 13.98 21.38 -11.66
CA TRP A 108 15.43 21.32 -11.74
C TRP A 108 15.91 19.88 -11.90
N PHE A 109 15.28 18.95 -11.18
CA PHE A 109 15.75 17.57 -11.29
C PHE A 109 15.29 16.91 -12.57
N GLN A 110 14.07 17.22 -13.04
CA GLN A 110 13.68 16.74 -14.35
C GLN A 110 14.65 17.25 -15.42
N ALA A 111 15.11 18.50 -15.28
CA ALA A 111 16.11 19.02 -16.22
C ALA A 111 17.45 18.31 -16.06
N ALA A 112 17.80 17.92 -14.84
CA ALA A 112 19.05 17.21 -14.62
C ALA A 112 19.01 15.83 -15.28
N LEU A 113 17.92 15.10 -15.10
CA LEU A 113 17.81 13.77 -15.72
C LEU A 113 17.88 13.85 -17.23
N ALA A 114 17.29 14.90 -17.81
CA ALA A 114 17.25 15.07 -19.25
C ALA A 114 18.57 15.56 -19.83
N ALA A 115 19.47 16.10 -19.01
CA ALA A 115 20.73 16.65 -19.46
C ALA A 115 21.83 15.60 -19.43
N GLU A 116 23.02 15.98 -19.91
CA GLU A 116 24.12 15.03 -20.02
C GLU A 116 25.01 15.09 -18.79
N PRO A 117 25.77 14.01 -18.55
CA PRO A 117 26.83 14.07 -17.54
C PRO A 117 27.67 15.32 -17.71
N GLY A 118 27.96 15.99 -16.60
CA GLY A 118 28.80 17.17 -16.61
C GLY A 118 28.07 18.47 -16.89
N SER A 119 26.75 18.44 -17.07
CA SER A 119 25.97 19.63 -17.37
C SER A 119 25.76 20.50 -16.12
N ASP A 120 25.42 21.78 -16.35
CA ASP A 120 25.08 22.62 -15.22
C ASP A 120 23.81 22.13 -14.52
N GLU A 121 22.89 21.52 -15.27
CA GLU A 121 21.68 21.02 -14.64
C GLU A 121 22.01 19.95 -13.60
N ARG A 122 22.94 19.05 -13.92
CA ARG A 122 23.34 18.03 -12.96
C ARG A 122 24.24 18.59 -11.87
N ALA A 123 24.95 19.68 -12.14
CA ALA A 123 25.82 20.30 -11.15
C ALA A 123 25.07 20.90 -9.97
N ARG A 124 23.75 21.11 -10.10
CA ARG A 124 22.94 21.58 -8.98
C ARG A 124 22.57 20.47 -8.01
N PHE A 125 22.86 19.22 -8.37
CA PHE A 125 22.66 18.03 -7.57
C PHE A 125 23.99 17.31 -7.41
N ILE A 126 24.00 16.06 -6.99
CA ILE A 126 25.26 15.35 -6.75
C ILE A 126 25.23 14.07 -7.58
N PHE A 127 25.65 14.18 -8.85
CA PHE A 127 25.75 13.06 -9.78
C PHE A 127 27.19 12.62 -9.86
N ARG A 128 27.43 11.30 -9.79
CA ARG A 128 28.79 10.78 -9.89
C ARG A 128 28.78 9.50 -10.71
N ASP A 129 29.91 9.22 -11.36
CA ASP A 129 30.08 7.91 -11.98
C ASP A 129 30.17 6.83 -10.92
N GLY A 130 29.63 5.66 -11.23
CA GLY A 130 29.71 4.55 -10.30
C GLY A 130 31.10 3.94 -10.27
N LEU A 131 31.31 3.05 -9.30
CA LEU A 131 32.54 2.28 -9.21
C LEU A 131 32.33 0.90 -9.80
N GLY A 132 33.40 0.09 -9.81
CA GLY A 132 33.34 -1.20 -10.46
C GLY A 132 33.65 -1.07 -11.93
N PRO A 133 33.96 -2.19 -12.59
CA PRO A 133 34.38 -2.12 -13.99
C PRO A 133 33.33 -1.57 -14.95
N ASP A 134 32.04 -1.70 -14.62
CA ASP A 134 30.99 -1.20 -15.49
C ASP A 134 30.11 -0.17 -14.77
N GLY A 135 30.64 0.46 -13.73
CA GLY A 135 29.91 1.52 -13.04
C GLY A 135 28.74 1.01 -12.22
N GLU A 136 28.70 -0.28 -11.92
CA GLU A 136 27.56 -0.94 -11.30
C GLU A 136 27.56 -0.85 -9.77
N LEU A 137 28.60 -0.35 -9.17
CA LEU A 137 28.68 -0.13 -7.73
C LEU A 137 28.41 1.34 -7.41
N PRO A 138 27.78 1.65 -6.28
CA PRO A 138 27.52 3.06 -5.97
C PRO A 138 28.81 3.83 -5.76
N PRO A 139 28.80 5.15 -5.98
CA PRO A 139 30.05 5.94 -5.86
C PRO A 139 30.71 5.87 -4.50
N ASN A 140 29.97 5.63 -3.42
CA ASN A 140 30.57 5.39 -2.11
C ASN A 140 29.60 4.51 -1.33
N ASN A 141 29.91 4.27 -0.05
CA ASN A 141 29.21 3.26 0.75
C ASN A 141 28.12 3.85 1.64
N TRP A 142 27.64 5.05 1.34
CA TRP A 142 26.69 5.70 2.23
C TRP A 142 25.31 5.03 2.21
N ASP A 143 24.64 5.06 3.35
CA ASP A 143 23.28 4.54 3.54
C ASP A 143 22.27 5.67 3.41
N SER A 144 21.13 5.39 2.77
CA SER A 144 19.95 6.23 2.97
C SER A 144 19.47 6.13 4.42
N VAL A 145 19.03 7.25 4.97
CA VAL A 145 18.44 7.25 6.32
C VAL A 145 17.25 6.31 6.40
N PHE A 146 16.52 6.14 5.30
CA PHE A 146 15.33 5.29 5.27
C PHE A 146 15.65 3.82 5.01
N GLY A 147 16.89 3.49 4.67
CA GLY A 147 17.29 2.12 4.38
C GLY A 147 17.79 1.96 2.96
N GLY A 148 18.77 1.08 2.75
CA GLY A 148 19.32 0.90 1.41
C GLY A 148 20.42 1.89 1.09
N LEU A 149 20.85 1.86 -0.18
CA LEU A 149 21.89 2.76 -0.67
C LEU A 149 21.40 4.21 -0.67
N ALA A 150 22.34 5.13 -0.43
CA ALA A 150 22.09 6.56 -0.59
C ALA A 150 22.24 7.04 -2.04
N TRP A 151 22.29 6.12 -3.01
CA TRP A 151 22.48 6.50 -4.40
C TRP A 151 21.53 5.73 -5.30
N THR A 152 21.13 6.35 -6.40
CA THR A 152 20.28 5.72 -7.40
C THR A 152 20.89 5.92 -8.79
N ARG A 153 20.98 4.84 -9.57
CA ARG A 153 21.56 4.93 -10.91
C ARG A 153 20.49 5.30 -11.92
N VAL A 154 20.85 6.17 -12.88
CA VAL A 154 19.91 6.64 -13.88
C VAL A 154 20.23 5.97 -15.22
N THR A 155 19.27 6.05 -16.14
CA THR A 155 19.47 5.65 -17.53
C THR A 155 19.79 6.90 -18.35
N GLU A 156 20.90 6.84 -19.12
CA GLU A 156 21.28 7.96 -19.96
C GLU A 156 20.50 7.93 -21.27
N ARG A 157 20.59 9.02 -22.04
CA ARG A 157 19.74 9.15 -23.22
C ARG A 157 20.04 8.12 -24.31
N ASP A 158 21.22 7.51 -24.30
CA ASP A 158 21.52 6.41 -25.20
C ASP A 158 21.05 5.06 -24.67
N GLY A 159 20.33 5.05 -23.54
CA GLY A 159 19.79 3.84 -22.98
C GLY A 159 20.73 3.06 -22.09
N ARG A 160 21.98 3.48 -21.95
CA ARG A 160 22.87 2.78 -21.04
C ARG A 160 22.59 3.20 -19.59
N PRO A 161 22.70 2.29 -18.63
CA PRO A 161 22.80 2.73 -17.23
C PRO A 161 24.02 3.62 -17.10
N GLY A 162 23.86 4.73 -16.37
CA GLY A 162 24.96 5.68 -16.32
C GLY A 162 25.33 6.20 -14.93
N GLN A 163 25.18 7.50 -14.72
CA GLN A 163 25.60 8.07 -13.45
C GLN A 163 24.62 7.71 -12.32
N TRP A 164 25.09 7.90 -11.10
CA TRP A 164 24.28 7.77 -9.89
C TRP A 164 24.11 9.16 -9.28
N TYR A 165 22.94 9.40 -8.68
CA TYR A 165 22.76 10.63 -7.89
C TYR A 165 22.56 10.29 -6.42
N LEU A 166 22.98 11.22 -5.55
CA LEU A 166 22.92 11.03 -4.10
C LEU A 166 21.56 11.46 -3.55
N HIS A 167 21.00 10.64 -2.66
CA HIS A 167 19.80 11.00 -1.90
C HIS A 167 19.99 10.52 -0.47
N SER A 168 20.05 11.47 0.47
CA SER A 168 20.16 11.09 1.87
C SER A 168 18.92 10.35 2.36
N PHE A 169 17.77 10.61 1.75
CA PHE A 169 16.52 10.00 2.16
C PHE A 169 15.95 9.13 1.06
N ASP A 170 14.73 9.34 0.57
CA ASP A 170 14.19 8.41 -0.43
C ASP A 170 14.87 8.61 -1.79
N THR A 171 14.81 7.57 -2.65
CA THR A 171 15.30 7.71 -4.03
C THR A 171 14.64 8.90 -4.72
N SER A 172 13.41 9.23 -4.36
CA SER A 172 12.74 10.38 -4.99
C SER A 172 13.03 11.70 -4.27
N GLN A 173 14.09 11.76 -3.46
CA GLN A 173 14.53 12.98 -2.79
C GLN A 173 16.01 13.27 -3.07
N PRO A 174 16.35 13.62 -4.32
CA PRO A 174 17.74 13.97 -4.62
C PRO A 174 18.23 15.15 -3.80
N ASP A 175 19.46 15.03 -3.28
CA ASP A 175 20.11 16.10 -2.52
C ASP A 175 20.67 17.17 -3.44
N PHE A 176 20.55 18.43 -3.03
CA PHE A 176 21.18 19.51 -3.76
C PHE A 176 22.69 19.48 -3.55
N ASP A 177 23.41 20.07 -4.51
CA ASP A 177 24.79 20.46 -4.30
C ASP A 177 24.81 21.89 -3.78
N TRP A 178 25.02 22.04 -2.48
CA TRP A 178 24.95 23.37 -1.86
C TRP A 178 26.18 24.21 -2.18
N ARG A 179 27.19 23.64 -2.84
CA ARG A 179 28.29 24.46 -3.36
C ARG A 179 27.97 25.08 -4.71
N HIS A 180 26.86 24.75 -5.33
CA HIS A 180 26.44 25.40 -6.56
C HIS A 180 25.71 26.70 -6.22
N PRO A 181 26.13 27.84 -6.75
CA PRO A 181 25.56 29.12 -6.27
C PRO A 181 24.08 29.29 -6.54
N ALA A 182 23.49 28.56 -7.49
CA ALA A 182 22.07 28.73 -7.73
C ALA A 182 21.23 28.17 -6.60
N VAL A 183 21.75 27.21 -5.84
CA VAL A 183 20.96 26.62 -4.76
C VAL A 183 20.71 27.65 -3.65
N ALA A 184 21.78 28.32 -3.18
CA ALA A 184 21.58 29.38 -2.18
C ALA A 184 20.66 30.47 -2.68
N GLU A 185 20.80 30.86 -3.95
CA GLU A 185 19.96 31.91 -4.50
C GLU A 185 18.49 31.52 -4.50
N HIS A 186 18.20 30.26 -4.88
CA HIS A 186 16.84 29.74 -4.86
C HIS A 186 16.24 29.83 -3.46
N PHE A 187 17.00 29.45 -2.43
CA PHE A 187 16.39 29.36 -1.11
C PHE A 187 16.33 30.70 -0.40
N GLU A 188 17.22 31.65 -0.74
CA GLU A 188 16.96 33.02 -0.29
C GLU A 188 15.65 33.54 -0.85
N ASN A 189 15.33 33.20 -2.11
CA ASN A 189 14.05 33.65 -2.67
C ASN A 189 12.87 32.96 -1.98
N VAL A 190 13.02 31.67 -1.64
CA VAL A 190 11.96 30.98 -0.92
C VAL A 190 11.66 31.67 0.41
N LEU A 191 12.71 32.04 1.15
CA LEU A 191 12.51 32.75 2.41
C LEU A 191 11.76 34.06 2.21
N ARG A 192 12.22 34.87 1.26
CA ARG A 192 11.59 36.18 1.04
C ARG A 192 10.14 36.03 0.59
N PHE A 193 9.88 35.03 -0.27
CA PHE A 193 8.53 34.79 -0.78
C PHE A 193 7.56 34.54 0.36
N TRP A 194 7.89 33.60 1.25
CA TRP A 194 6.95 33.28 2.30
C TRP A 194 6.92 34.35 3.38
N PHE A 195 8.06 34.99 3.65
CA PHE A 195 8.07 36.08 4.62
C PHE A 195 7.19 37.24 4.15
N GLU A 196 7.11 37.47 2.83
CA GLU A 196 6.28 38.56 2.34
C GLU A 196 4.81 38.29 2.59
N ARG A 197 4.42 37.02 2.76
CA ARG A 197 3.04 36.66 3.02
C ARG A 197 2.74 36.63 4.52
N GLY A 198 3.66 37.09 5.36
CA GLY A 198 3.42 37.21 6.77
C GLY A 198 3.86 36.03 7.61
N VAL A 199 4.49 35.02 7.01
CA VAL A 199 5.04 33.92 7.80
C VAL A 199 6.07 34.46 8.79
N ASP A 200 6.03 33.95 10.01
CA ASP A 200 6.83 34.49 11.10
C ASP A 200 8.19 33.83 11.25
N GLY A 201 8.42 32.68 10.62
CA GLY A 201 9.68 32.01 10.76
C GLY A 201 9.58 30.64 10.14
N PHE A 202 10.67 29.87 10.30
CA PHE A 202 10.77 28.55 9.69
C PHE A 202 11.35 27.56 10.69
N ARG A 203 10.78 26.35 10.68
CA ARG A 203 11.42 25.16 11.22
C ARG A 203 12.30 24.59 10.12
N ILE A 204 13.56 24.32 10.42
CA ILE A 204 14.54 23.92 9.41
C ILE A 204 14.74 22.40 9.45
N ASP A 205 14.27 21.73 8.40
CA ASP A 205 14.38 20.29 8.24
C ASP A 205 15.83 19.91 8.02
N VAL A 206 16.29 18.86 8.71
CA VAL A 206 17.65 18.31 8.55
C VAL A 206 18.67 19.44 8.65
N ALA A 207 18.67 20.16 9.77
CA ALA A 207 19.53 21.33 9.84
C ALA A 207 21.01 20.94 9.89
N HIS A 208 21.31 19.69 10.20
CA HIS A 208 22.67 19.16 10.13
C HIS A 208 23.04 18.70 8.73
N GLY A 209 22.18 18.95 7.75
CA GLY A 209 22.40 18.59 6.36
C GLY A 209 22.92 19.73 5.52
N HIS A 210 22.50 19.73 4.25
CA HIS A 210 22.89 20.67 3.21
C HIS A 210 24.30 20.41 2.71
N PHE A 211 25.32 20.73 3.49
CA PHE A 211 26.70 20.56 3.05
C PHE A 211 27.21 19.18 3.46
N LYS A 212 27.86 18.49 2.51
CA LYS A 212 28.62 17.29 2.78
C LYS A 212 30.10 17.60 2.59
N ASP A 213 30.95 16.74 3.14
CA ASP A 213 32.38 16.82 2.84
C ASP A 213 32.56 16.76 1.33
N ALA A 214 33.38 17.68 0.78
CA ALA A 214 33.46 17.82 -0.67
C ALA A 214 33.99 16.58 -1.38
N ALA A 215 34.73 15.73 -0.69
CA ALA A 215 35.27 14.51 -1.29
C ALA A 215 34.29 13.33 -1.25
N LEU A 216 33.13 13.49 -0.57
CA LEU A 216 32.17 12.40 -0.33
C LEU A 216 32.87 11.11 0.10
N PRO A 217 33.72 11.14 1.12
CA PRO A 217 34.49 9.94 1.47
C PRO A 217 33.61 8.82 1.99
N ASP A 218 34.00 7.59 1.67
CA ASP A 218 33.41 6.42 2.32
C ASP A 218 33.35 6.62 3.82
N HIS A 219 32.28 6.13 4.43
CA HIS A 219 32.22 6.09 5.89
C HIS A 219 33.03 4.90 6.39
N PRO A 220 34.13 5.10 7.13
CA PRO A 220 34.96 3.94 7.52
C PRO A 220 34.28 3.03 8.53
N GLY A 221 33.23 3.48 9.19
CA GLY A 221 32.51 2.66 10.14
C GLY A 221 31.64 1.58 9.52
N GLY A 222 31.43 1.61 8.21
CA GLY A 222 30.60 0.62 7.56
C GLY A 222 29.19 1.10 7.28
N ARG A 223 28.20 0.22 7.46
CA ARG A 223 26.80 0.50 7.16
C ARG A 223 25.95 0.11 8.37
N GLY A 224 24.71 0.54 8.36
CA GLY A 224 23.75 0.12 9.36
C GLY A 224 23.90 0.88 10.67
N PRO A 225 23.10 0.48 11.67
CA PRO A 225 23.01 1.30 12.89
C PRO A 225 24.24 1.24 13.79
N ASP A 226 25.13 0.28 13.62
CA ASP A 226 26.32 0.21 14.44
C ASP A 226 27.53 0.86 13.79
N ALA A 227 27.37 1.42 12.58
CA ALA A 227 28.47 2.07 11.90
C ALA A 227 28.91 3.35 12.58
N GLY A 228 28.06 3.92 13.43
CA GLY A 228 28.38 5.20 14.04
C GLY A 228 28.07 6.36 13.11
N HIS A 229 28.28 7.56 13.63
CA HIS A 229 27.96 8.78 12.90
C HIS A 229 28.83 8.89 11.65
N ASN A 230 28.20 9.19 10.52
CA ASN A 230 28.90 9.39 9.25
C ASN A 230 29.31 10.85 9.19
N HIS A 231 30.57 11.12 9.55
CA HIS A 231 31.04 12.50 9.68
C HIS A 231 31.10 13.20 8.33
N GLY A 232 31.32 12.48 7.23
CA GLY A 232 31.39 13.12 5.92
C GLY A 232 30.05 13.49 5.31
N MET A 233 28.97 12.91 5.83
CA MET A 233 27.66 13.09 5.23
C MET A 233 26.88 14.25 5.86
N TRP A 234 27.32 14.76 7.02
CA TRP A 234 26.52 15.70 7.81
C TRP A 234 27.43 16.72 8.50
N ASP A 235 26.81 17.78 9.00
CA ASP A 235 27.42 18.63 10.03
C ASP A 235 28.78 19.16 9.61
N GLN A 236 28.80 19.87 8.49
CA GLN A 236 30.00 20.46 7.93
C GLN A 236 30.11 21.93 8.29
N PRO A 237 31.33 22.49 8.32
CA PRO A 237 31.48 23.89 8.76
C PRO A 237 30.74 24.88 7.88
N GLU A 238 30.57 24.58 6.59
CA GLU A 238 29.92 25.52 5.68
C GLU A 238 28.45 25.74 6.02
N VAL A 239 27.80 24.82 6.74
CA VAL A 239 26.38 25.00 7.05
C VAL A 239 26.18 26.21 7.96
N HIS A 240 27.20 26.58 8.74
CA HIS A 240 27.06 27.73 9.63
C HIS A 240 27.10 29.05 8.85
N ASP A 241 27.85 29.09 7.75
CA ASP A 241 27.76 30.25 6.86
C ASP A 241 26.37 30.36 6.28
N LEU A 242 25.75 29.22 5.94
CA LEU A 242 24.37 29.26 5.48
C LEU A 242 23.44 29.86 6.53
N TYR A 243 23.52 29.41 7.79
CA TYR A 243 22.58 29.96 8.77
C TYR A 243 22.91 31.40 9.12
N ARG A 244 24.19 31.81 9.07
CA ARG A 244 24.48 33.24 9.25
C ARG A 244 23.79 34.07 8.17
N SER A 245 23.73 33.55 6.94
CA SER A 245 23.07 34.24 5.86
C SER A 245 21.57 34.32 6.07
N TRP A 246 20.94 33.20 6.45
CA TRP A 246 19.49 33.24 6.66
C TRP A 246 19.10 34.10 7.86
N ARG A 247 19.90 34.07 8.93
CA ARG A 247 19.62 34.89 10.10
C ARG A 247 19.81 36.37 9.79
N ALA A 248 20.81 36.70 8.96
CA ALA A 248 21.01 38.10 8.57
C ALA A 248 19.83 38.63 7.78
N LEU A 249 19.22 37.77 6.95
CA LEU A 249 17.99 38.13 6.23
C LEU A 249 16.83 38.31 7.20
N GLY A 250 16.63 37.33 8.10
CA GLY A 250 15.52 37.40 9.04
C GLY A 250 15.61 38.57 10.01
N ASP A 251 16.82 39.00 10.35
CA ASP A 251 16.99 40.05 11.35
C ASP A 251 16.58 41.43 10.83
N ALA A 252 16.34 41.58 9.53
CA ALA A 252 15.96 42.86 8.96
C ALA A 252 14.46 43.12 9.03
N TYR A 253 13.67 42.10 9.33
CA TYR A 253 12.24 42.28 9.50
C TYR A 253 11.93 42.79 10.90
N GLU A 254 10.76 43.38 11.05
CA GLU A 254 10.27 43.87 12.34
C GLU A 254 8.89 43.30 12.63
N PRO A 255 8.76 42.39 13.62
CA PRO A 255 9.80 41.83 14.46
C PRO A 255 10.68 40.89 13.65
N GLU A 256 11.85 40.53 14.14
CA GLU A 256 12.75 39.67 13.38
C GLU A 256 12.12 38.29 13.19
N LYS A 257 12.48 37.64 12.07
CA LYS A 257 11.96 36.31 11.83
C LYS A 257 12.66 35.31 12.76
N TYR A 258 12.07 34.11 12.85
CA TYR A 258 12.44 33.10 13.84
C TYR A 258 12.84 31.81 13.13
N PHE A 259 13.96 31.20 13.55
CA PHE A 259 14.42 29.94 12.98
C PHE A 259 14.66 28.92 14.09
N VAL A 260 14.02 27.75 13.99
CA VAL A 260 14.29 26.65 14.91
C VAL A 260 14.73 25.45 14.09
N GLY A 261 15.88 24.88 14.43
CA GLY A 261 16.48 23.81 13.64
C GLY A 261 16.12 22.42 14.15
N GLU A 262 15.89 21.51 13.21
CA GLU A 262 15.79 20.08 13.53
C GLU A 262 17.19 19.50 13.35
N ILE A 263 17.93 19.35 14.45
CA ILE A 263 19.34 19.00 14.40
C ILE A 263 19.55 17.68 15.14
N TRP A 264 20.04 16.69 14.41
CA TRP A 264 20.42 15.40 15.01
C TRP A 264 21.93 15.26 14.87
N VAL A 265 22.64 15.50 15.98
CA VAL A 265 24.10 15.36 16.01
C VAL A 265 24.47 14.45 17.16
N PRO A 266 25.63 13.80 17.11
CA PRO A 266 25.97 12.85 18.18
C PRO A 266 26.35 13.52 19.49
N SER A 267 26.86 14.75 19.45
CA SER A 267 27.34 15.39 20.67
C SER A 267 26.61 16.71 20.93
N PRO A 268 26.21 16.98 22.17
CA PRO A 268 25.54 18.26 22.46
C PRO A 268 26.43 19.48 22.28
N ASP A 269 27.74 19.33 22.46
CA ASP A 269 28.66 20.42 22.11
C ASP A 269 28.51 20.81 20.65
N ARG A 270 28.24 19.84 19.76
CA ARG A 270 28.09 20.13 18.34
C ARG A 270 26.80 20.88 18.07
N LEU A 271 25.78 20.67 18.90
CA LEU A 271 24.54 21.43 18.79
C LEU A 271 24.77 22.91 19.01
N ALA A 272 25.66 23.25 19.96
CA ALA A 272 25.81 24.63 20.41
C ALA A 272 26.23 25.57 19.28
N ASP A 273 27.06 25.09 18.35
CA ASP A 273 27.51 25.94 17.25
C ASP A 273 26.34 26.44 16.41
N TYR A 274 25.28 25.65 16.28
CA TYR A 274 24.14 26.06 15.48
C TYR A 274 23.35 27.17 16.17
N LEU A 275 23.56 27.37 17.47
CA LEU A 275 22.78 28.29 18.28
C LEU A 275 23.55 29.54 18.66
N ARG A 276 24.68 29.79 17.99
CA ARG A 276 25.43 31.00 18.24
C ARG A 276 24.59 32.23 17.86
N PRO A 277 24.91 33.40 18.43
CA PRO A 277 23.99 34.55 18.31
C PRO A 277 23.66 34.98 16.88
N ASP A 278 24.53 34.67 15.92
CA ASP A 278 24.31 35.03 14.53
C ASP A 278 23.75 33.87 13.71
N GLU A 279 23.30 32.78 14.37
CA GLU A 279 22.75 31.67 13.61
C GLU A 279 21.31 31.39 14.02
N LEU A 280 21.00 30.15 14.39
CA LEU A 280 19.61 29.78 14.65
C LEU A 280 19.18 30.22 16.04
N HIS A 281 17.90 30.60 16.14
CA HIS A 281 17.36 31.00 17.45
C HIS A 281 17.27 29.82 18.41
N ASN A 282 16.98 28.63 17.89
CA ASN A 282 16.79 27.49 18.78
C ASN A 282 16.89 26.20 17.97
N ALA A 283 16.85 25.09 18.69
CA ALA A 283 16.88 23.75 18.14
C ALA A 283 16.12 22.85 19.10
N PHE A 284 15.43 21.84 18.55
CA PHE A 284 14.70 20.93 19.42
C PHE A 284 15.66 20.20 20.36
N SER A 285 15.25 20.09 21.62
CA SER A 285 16.04 19.45 22.65
C SER A 285 15.71 17.96 22.61
N PHE A 286 16.28 17.28 21.61
CA PHE A 286 15.90 15.89 21.40
C PHE A 286 16.44 14.97 22.48
N ASP A 287 17.46 15.39 23.23
CA ASP A 287 17.97 14.53 24.30
C ASP A 287 16.85 14.11 25.25
N LEU A 288 16.00 15.06 25.64
CA LEU A 288 14.90 14.69 26.53
C LEU A 288 13.90 13.77 25.84
N LEU A 289 13.63 14.02 24.55
CA LEU A 289 12.65 13.20 23.84
C LEU A 289 13.05 11.73 23.79
N VAL A 290 14.35 11.42 23.78
CA VAL A 290 14.74 10.03 23.59
C VAL A 290 14.92 9.29 24.91
N GLN A 291 14.74 9.97 26.04
CA GLN A 291 14.96 9.31 27.33
C GLN A 291 13.78 8.41 27.69
N PRO A 292 14.04 7.26 28.30
CA PRO A 292 12.97 6.49 28.93
C PRO A 292 12.46 7.19 30.19
N TRP A 293 11.31 6.74 30.67
CA TRP A 293 10.70 7.27 31.89
C TRP A 293 11.59 6.91 33.09
N ASN A 294 12.44 7.84 33.49
CA ASN A 294 13.41 7.61 34.55
C ASN A 294 13.88 8.96 35.08
N ALA A 295 13.94 9.12 36.41
CA ALA A 295 14.19 10.43 36.98
C ALA A 295 15.61 10.91 36.70
N ASP A 296 16.59 10.00 36.83
CA ASP A 296 17.98 10.34 36.56
C ASP A 296 18.17 10.73 35.09
N ARG A 297 17.62 9.94 34.18
CA ARG A 297 17.78 10.22 32.76
C ARG A 297 17.10 11.52 32.38
N PHE A 298 15.91 11.78 32.94
CA PHE A 298 15.23 13.03 32.65
C PHE A 298 16.01 14.22 33.17
N ARG A 299 16.55 14.13 34.39
CA ARG A 299 17.26 15.27 34.93
C ARG A 299 18.50 15.60 34.11
N LYS A 300 19.26 14.57 33.72
CA LYS A 300 20.48 14.79 32.96
C LYS A 300 20.17 15.42 31.60
N ALA A 301 19.07 14.99 30.96
CA ALA A 301 18.68 15.54 29.67
C ALA A 301 18.22 16.99 29.81
N ILE A 302 17.53 17.32 30.91
CA ILE A 302 17.08 18.69 31.15
C ILE A 302 18.27 19.60 31.42
N GLU A 303 19.23 19.15 32.25
CA GLU A 303 20.42 19.94 32.51
C GLU A 303 21.19 20.22 31.22
N THR A 304 21.36 19.19 30.39
CA THR A 304 22.04 19.34 29.10
C THR A 304 21.30 20.31 28.19
N GLY A 305 19.97 20.17 28.10
CA GLY A 305 19.19 21.08 27.27
C GLY A 305 19.32 22.52 27.72
N LEU A 306 19.26 22.77 29.03
CA LEU A 306 19.35 24.13 29.53
C LEU A 306 20.71 24.74 29.21
N ALA A 307 21.77 23.94 29.28
CA ALA A 307 23.11 24.45 28.99
C ALA A 307 23.26 24.80 27.51
N VAL A 308 22.84 23.89 26.63
CA VAL A 308 22.97 24.12 25.20
C VAL A 308 22.08 25.27 24.75
N GLY A 309 20.86 25.34 25.25
CA GLY A 309 19.86 26.33 24.92
C GLY A 309 20.04 27.69 25.56
N ARG A 310 21.17 27.90 26.25
CA ARG A 310 21.44 29.18 26.93
C ARG A 310 20.29 29.55 27.86
N GLY A 311 19.65 28.54 28.46
CA GLY A 311 18.62 28.75 29.45
C GLY A 311 17.20 28.69 28.95
N TRP A 312 16.98 28.73 27.62
CA TRP A 312 15.62 28.75 27.07
C TRP A 312 15.53 27.84 25.85
N PRO A 313 15.66 26.54 26.04
CA PRO A 313 15.62 25.61 24.91
C PRO A 313 14.20 25.38 24.40
N ALA A 314 14.14 24.70 23.25
CA ALA A 314 12.88 24.32 22.62
C ALA A 314 12.59 22.87 22.98
N TRP A 315 11.72 22.66 23.96
CA TRP A 315 11.39 21.32 24.40
C TRP A 315 10.36 20.68 23.50
N THR A 316 10.47 19.36 23.32
CA THR A 316 9.38 18.61 22.71
C THR A 316 9.47 17.16 23.17
N LEU A 317 8.30 16.52 23.30
CA LEU A 317 8.22 15.13 23.72
C LEU A 317 7.76 14.20 22.61
N ALA A 318 7.32 14.74 21.48
CA ALA A 318 6.89 13.91 20.36
C ALA A 318 6.85 14.77 19.10
N ASN A 319 6.86 14.10 17.95
CA ASN A 319 6.64 14.76 16.65
C ASN A 319 6.21 13.69 15.65
N HIS A 320 6.21 14.07 14.36
CA HIS A 320 5.68 13.23 13.31
C HIS A 320 6.63 12.12 12.88
N ASP A 321 7.82 12.04 13.50
CA ASP A 321 8.83 11.02 13.18
C ASP A 321 9.02 9.96 14.25
N VAL A 322 8.42 10.10 15.43
CA VAL A 322 8.68 9.20 16.55
C VAL A 322 7.36 8.66 17.08
N HIS A 323 7.47 7.61 17.90
CA HIS A 323 6.26 7.06 18.51
C HIS A 323 5.68 8.05 19.51
N ARG A 324 4.36 8.09 19.57
CA ARG A 324 3.66 8.97 20.50
C ARG A 324 4.04 8.64 21.95
N ALA A 325 3.97 9.66 22.81
CA ALA A 325 4.47 9.52 24.18
C ALA A 325 3.73 8.43 24.95
N VAL A 326 2.41 8.33 24.79
CA VAL A 326 1.66 7.31 25.51
C VAL A 326 2.21 5.92 25.20
N THR A 327 2.64 5.71 23.97
CA THR A 327 3.20 4.40 23.60
C THR A 327 4.65 4.24 24.08
N ARG A 328 5.46 5.28 23.95
CA ARG A 328 6.85 5.16 24.40
C ARG A 328 6.91 4.88 25.90
N TYR A 329 6.12 5.60 26.70
CA TYR A 329 6.20 5.46 28.14
C TYR A 329 5.44 4.26 28.68
N GLY A 330 4.48 3.74 27.92
CA GLY A 330 3.70 2.59 28.32
C GLY A 330 4.35 1.33 27.80
N GLN A 331 4.42 1.20 26.48
CA GLN A 331 5.14 0.12 25.76
C GLN A 331 5.05 -1.25 26.40
N ASP A 354 -1.03 -1.46 27.47
CA ASP A 354 -0.33 -0.61 28.44
C ASP A 354 -0.80 0.83 28.35
N LEU A 355 -2.07 1.02 28.05
CA LEU A 355 -2.62 2.37 27.87
C LEU A 355 -2.57 3.15 29.17
N ASP A 356 -3.02 2.53 30.27
CA ASP A 356 -3.14 3.24 31.54
C ASP A 356 -1.78 3.76 32.02
N ARG A 357 -0.74 2.92 31.98
CA ARG A 357 0.56 3.36 32.44
C ARG A 357 1.17 4.40 31.51
N GLY A 358 1.00 4.21 30.20
CA GLY A 358 1.46 5.21 29.25
C GLY A 358 0.77 6.56 29.41
N LEU A 359 -0.55 6.55 29.65
CA LEU A 359 -1.28 7.79 29.86
C LEU A 359 -0.82 8.49 31.14
N ARG A 360 -0.73 7.74 32.23
CA ARG A 360 -0.25 8.29 33.50
C ARG A 360 1.09 8.98 33.32
N ARG A 361 2.04 8.30 32.68
CA ARG A 361 3.37 8.87 32.50
C ARG A 361 3.36 10.02 31.52
N ALA A 362 2.59 9.91 30.43
CA ALA A 362 2.54 11.00 29.47
C ALA A 362 1.91 12.26 30.08
N ARG A 363 0.92 12.09 30.96
CA ARG A 363 0.35 13.23 31.68
C ARG A 363 1.41 13.87 32.58
N ALA A 364 2.15 13.04 33.31
CA ALA A 364 3.18 13.57 34.20
C ALA A 364 4.31 14.22 33.41
N ALA A 365 4.63 13.66 32.24
CA ALA A 365 5.72 14.21 31.43
C ALA A 365 5.31 15.54 30.81
N ALA A 366 4.08 15.65 30.33
CA ALA A 366 3.61 16.91 29.78
C ALA A 366 3.65 18.00 30.84
N ALA A 367 3.24 17.67 32.07
CA ALA A 367 3.19 18.66 33.15
C ALA A 367 4.59 19.08 33.57
N LEU A 368 5.56 18.17 33.53
CA LEU A 368 6.93 18.55 33.84
C LEU A 368 7.52 19.41 32.72
N ALA A 369 7.34 18.99 31.46
CA ALA A 369 7.97 19.71 30.36
C ALA A 369 7.43 21.12 30.21
N LEU A 370 6.13 21.31 30.46
CA LEU A 370 5.54 22.65 30.35
C LEU A 370 5.95 23.58 31.48
N ALA A 371 6.66 23.08 32.49
CA ALA A 371 7.19 23.92 33.56
C ALA A 371 8.64 24.31 33.35
N LEU A 372 9.31 23.71 32.37
CA LEU A 372 10.71 24.05 32.12
C LEU A 372 10.82 25.42 31.47
N PRO A 373 11.87 26.18 31.79
CA PRO A 373 12.10 27.45 31.07
C PRO A 373 12.34 27.19 29.60
N GLY A 374 11.74 28.02 28.77
CA GLY A 374 11.88 27.91 27.33
C GLY A 374 10.57 27.72 26.61
N SER A 375 10.66 27.25 25.37
CA SER A 375 9.49 27.02 24.55
C SER A 375 9.18 25.53 24.49
N MET A 376 7.94 25.23 24.09
CA MET A 376 7.49 23.85 24.04
C MET A 376 6.71 23.64 22.74
N TYR A 377 7.03 22.55 22.05
CA TYR A 377 6.37 22.14 20.82
C TYR A 377 5.45 20.96 21.12
N LEU A 378 4.15 21.18 20.91
CA LEU A 378 3.14 20.13 21.11
C LEU A 378 2.74 19.56 19.76
N TYR A 379 2.98 18.26 19.58
CA TYR A 379 2.60 17.58 18.35
C TYR A 379 1.11 17.24 18.38
N GLN A 380 0.40 17.55 17.29
CA GLN A 380 -1.05 17.36 17.28
C GLN A 380 -1.42 15.95 17.72
N GLY A 381 -2.43 15.87 18.59
CA GLY A 381 -2.86 14.58 19.10
C GLY A 381 -2.24 14.19 20.43
N GLU A 382 -1.06 14.72 20.75
CA GLU A 382 -0.50 14.43 22.07
C GLU A 382 -1.36 15.03 23.18
N GLU A 383 -2.06 16.14 22.90
CA GLU A 383 -2.99 16.73 23.86
C GLU A 383 -4.24 15.88 24.07
N LEU A 384 -4.50 14.92 23.19
CA LEU A 384 -5.56 13.93 23.37
C LEU A 384 -5.06 12.64 23.99
N GLY A 385 -3.76 12.52 24.23
CA GLY A 385 -3.22 11.29 24.75
C GLY A 385 -3.32 10.11 23.81
N LEU A 386 -3.20 10.34 22.51
CA LEU A 386 -3.33 9.25 21.56
C LEU A 386 -2.15 8.29 21.69
N PRO A 387 -2.38 6.99 21.55
CA PRO A 387 -1.27 6.05 21.37
C PRO A 387 -0.86 5.97 19.91
N GLU A 388 0.34 5.44 19.69
CA GLU A 388 0.75 5.01 18.36
C GLU A 388 -0.18 3.90 17.87
N VAL A 389 -0.51 3.95 16.58
CA VAL A 389 -1.29 2.88 15.95
C VAL A 389 -0.27 1.98 15.27
N LEU A 390 0.14 0.92 15.97
CA LEU A 390 1.19 0.03 15.51
C LEU A 390 0.67 -1.08 14.60
N ASP A 391 -0.63 -1.37 14.66
CA ASP A 391 -1.25 -2.45 13.90
C ASP A 391 -1.98 -1.87 12.69
N LEU A 392 -1.21 -1.56 11.66
CA LEU A 392 -1.77 -1.20 10.37
C LEU A 392 -1.54 -2.35 9.39
N PRO A 393 -2.49 -2.64 8.52
CA PRO A 393 -2.24 -3.66 7.49
C PRO A 393 -1.16 -3.19 6.52
N ASP A 394 -0.48 -4.16 5.91
CA ASP A 394 0.61 -3.84 4.99
C ASP A 394 0.16 -2.90 3.87
N ALA A 395 -1.05 -3.10 3.34
CA ALA A 395 -1.54 -2.28 2.23
C ALA A 395 -1.83 -0.85 2.64
N ALA A 396 -1.91 -0.55 3.93
CA ALA A 396 -2.15 0.80 4.41
C ALA A 396 -0.86 1.59 4.62
N ARG A 397 0.28 0.92 4.74
CA ARG A 397 1.51 1.64 5.05
C ARG A 397 1.99 2.44 3.84
N GLN A 398 2.35 3.71 4.09
CA GLN A 398 2.78 4.62 3.04
C GLN A 398 4.17 5.19 3.25
N ASP A 399 4.68 5.18 4.48
CA ASP A 399 6.02 5.67 4.77
C ASP A 399 7.04 4.97 3.87
N PRO A 400 7.94 5.70 3.20
CA PRO A 400 8.98 5.03 2.40
C PRO A 400 9.86 4.11 3.22
N ILE A 401 9.97 4.31 4.53
CA ILE A 401 10.70 3.39 5.39
C ILE A 401 10.17 1.98 5.27
N TRP A 402 8.85 1.83 5.07
CA TRP A 402 8.24 0.50 5.00
C TRP A 402 8.79 -0.29 3.81
N THR A 403 8.71 0.28 2.61
CA THR A 403 9.20 -0.44 1.43
C THR A 403 10.72 -0.55 1.43
N ARG A 404 11.41 0.54 1.79
CA ARG A 404 12.86 0.54 1.72
C ARG A 404 13.51 -0.41 2.72
N SER A 405 12.83 -0.73 3.81
CA SER A 405 13.30 -1.72 4.77
C SER A 405 12.80 -3.12 4.45
N ASN A 406 12.11 -3.31 3.31
CA ASN A 406 11.53 -4.60 2.93
C ASN A 406 10.55 -5.11 3.98
N GLY A 407 9.82 -4.20 4.62
CA GLY A 407 8.85 -4.59 5.60
C GLY A 407 9.41 -4.90 6.98
N THR A 408 10.68 -4.59 7.24
CA THR A 408 11.30 -4.89 8.52
C THR A 408 11.26 -3.73 9.50
N GLU A 409 11.08 -2.50 9.05
CA GLU A 409 10.86 -1.35 9.92
C GLU A 409 9.46 -0.84 9.67
N LEU A 410 8.69 -0.61 10.75
CA LEU A 410 7.28 -0.26 10.59
C LEU A 410 7.12 1.09 9.92
N GLY A 411 7.97 2.05 10.27
CA GLY A 411 7.80 3.41 9.81
C GLY A 411 7.01 4.26 10.78
N ARG A 412 6.56 5.42 10.26
CA ARG A 412 6.00 6.50 11.05
C ARG A 412 4.50 6.69 10.85
N ASP A 413 3.83 5.84 10.06
CA ASP A 413 2.42 6.09 9.78
C ASP A 413 1.56 6.06 11.05
N GLY A 414 2.00 5.33 12.08
CA GLY A 414 1.23 5.15 13.30
C GLY A 414 1.07 6.38 14.16
N CYS A 415 1.88 7.42 13.97
CA CYS A 415 1.68 8.70 14.64
C CYS A 415 1.02 9.74 13.75
N ARG A 416 0.62 9.35 12.54
CA ARG A 416 0.06 10.27 11.56
C ARG A 416 -1.39 9.92 11.22
N ILE A 417 -2.05 9.17 12.09
CA ILE A 417 -3.46 8.80 11.84
C ILE A 417 -4.33 10.05 12.00
N PRO A 418 -5.26 10.33 11.07
CA PRO A 418 -6.16 11.47 11.23
C PRO A 418 -6.82 11.55 12.60
N LEU A 419 -6.88 12.77 13.15
CA LEU A 419 -7.29 12.98 14.53
C LEU A 419 -8.78 12.69 14.73
N PRO A 420 -9.16 12.19 15.91
CA PRO A 420 -10.59 12.12 16.26
C PRO A 420 -11.08 13.43 16.86
N TRP A 421 -12.16 13.96 16.30
CA TRP A 421 -12.80 15.18 16.76
C TRP A 421 -14.11 14.96 17.49
N THR A 422 -14.91 13.99 17.05
CA THR A 422 -16.18 13.68 17.67
C THR A 422 -16.28 12.18 17.90
N ARG A 423 -17.03 11.81 18.93
CA ARG A 423 -17.27 10.41 19.22
C ARG A 423 -18.00 9.73 18.07
N GLU A 424 -18.89 10.46 17.42
CA GLU A 424 -19.75 9.94 16.36
C GLU A 424 -19.10 10.14 15.00
N GLY A 425 -19.61 9.42 14.02
CA GLY A 425 -19.17 9.61 12.65
C GLY A 425 -18.20 8.55 12.20
N ARG A 426 -18.28 8.21 10.91
CA ARG A 426 -17.46 7.14 10.36
C ARG A 426 -15.97 7.46 10.47
N THR A 427 -15.61 8.74 10.43
CA THR A 427 -14.21 9.16 10.64
C THR A 427 -14.03 9.99 11.90
N PHE A 428 -14.94 9.86 12.88
CA PHE A 428 -14.85 10.56 14.16
C PHE A 428 -14.72 12.08 13.96
N GLY A 429 -15.43 12.59 12.95
CA GLY A 429 -15.46 14.01 12.70
C GLY A 429 -14.23 14.57 12.02
N PHE A 430 -13.26 13.73 11.67
CA PHE A 430 -12.13 14.22 10.88
C PHE A 430 -12.61 14.71 9.50
N SER A 431 -13.53 13.96 8.91
CA SER A 431 -14.13 14.30 7.62
C SER A 431 -15.65 14.32 7.78
N ASP A 432 -16.36 14.25 6.67
CA ASP A 432 -17.81 14.08 6.69
C ASP A 432 -18.26 13.37 5.42
N THR A 437 -12.27 7.25 1.66
CA THR A 437 -11.65 6.80 2.90
C THR A 437 -10.50 7.71 3.32
N THR A 438 -10.23 7.81 4.62
CA THR A 438 -9.14 8.65 5.08
C THR A 438 -7.81 8.11 4.57
N TRP A 439 -6.85 9.02 4.35
CA TRP A 439 -5.64 8.64 3.65
C TRP A 439 -4.81 7.61 4.43
N LEU A 440 -4.90 7.62 5.76
CA LEU A 440 -4.53 6.51 6.63
C LEU A 440 -5.76 6.12 7.45
N PRO A 441 -5.98 4.83 7.70
CA PRO A 441 -7.20 4.41 8.39
C PRO A 441 -7.13 4.63 9.89
N GLN A 442 -8.22 5.15 10.45
CA GLN A 442 -8.31 5.30 11.90
C GLN A 442 -8.82 4.01 12.53
N PRO A 443 -8.28 3.60 13.68
CA PRO A 443 -8.79 2.41 14.36
C PRO A 443 -10.19 2.64 14.88
N ALA A 444 -10.92 1.53 15.06
CA ALA A 444 -12.27 1.62 15.59
C ALA A 444 -12.29 2.28 16.96
N TRP A 445 -11.21 2.14 17.73
CA TRP A 445 -11.18 2.67 19.07
C TRP A 445 -10.77 4.14 19.14
N PHE A 446 -10.46 4.80 18.02
CA PHE A 446 -10.08 6.22 18.07
C PHE A 446 -11.20 7.10 18.62
N GLY A 447 -12.45 6.70 18.44
CA GLY A 447 -13.56 7.54 18.90
C GLY A 447 -13.55 7.77 20.39
N ALA A 448 -12.97 6.84 21.16
CA ALA A 448 -12.84 7.00 22.61
C ALA A 448 -11.99 8.21 22.98
N PHE A 449 -11.14 8.67 22.06
CA PHE A 449 -10.21 9.76 22.33
C PHE A 449 -10.67 11.09 21.76
N ALA A 450 -11.92 11.16 21.28
CA ALA A 450 -12.38 12.32 20.51
C ALA A 450 -12.22 13.63 21.29
N ARG A 451 -11.82 14.68 20.57
CA ARG A 451 -11.59 15.98 21.20
C ARG A 451 -12.83 16.48 21.94
N ALA A 452 -14.01 16.39 21.30
CA ALA A 452 -15.22 16.93 21.92
C ALA A 452 -15.58 16.21 23.21
N THR A 453 -15.33 14.89 23.26
CA THR A 453 -15.54 14.15 24.50
C THR A 453 -14.58 14.61 25.59
N GLN A 454 -13.31 14.81 25.24
CA GLN A 454 -12.34 15.21 26.24
C GLN A 454 -12.61 16.64 26.73
N ALA A 455 -13.14 17.50 25.86
CA ALA A 455 -13.40 18.89 26.25
C ALA A 455 -14.44 18.98 27.36
N ALA A 456 -15.36 18.03 27.41
CA ALA A 456 -16.42 17.99 28.41
C ALA A 456 -16.01 17.25 29.67
N ASP A 457 -14.80 16.72 29.72
CA ASP A 457 -14.31 15.95 30.86
C ASP A 457 -13.19 16.73 31.53
N PRO A 458 -13.40 17.26 32.74
CA PRO A 458 -12.31 18.00 33.40
C PRO A 458 -11.08 17.17 33.71
N ASP A 459 -11.18 15.85 33.73
CA ASP A 459 -10.04 15.01 34.03
C ASP A 459 -9.32 14.50 32.78
N SER A 460 -9.73 14.94 31.60
CA SER A 460 -9.15 14.39 30.37
C SER A 460 -7.74 14.93 30.15
N MET A 461 -7.01 14.24 29.28
CA MET A 461 -5.71 14.75 28.83
C MET A 461 -5.81 16.13 28.20
N LEU A 462 -6.86 16.38 27.41
CA LEU A 462 -7.03 17.69 26.81
C LEU A 462 -7.25 18.75 27.89
N SER A 463 -8.09 18.44 28.88
CA SER A 463 -8.32 19.41 29.95
C SER A 463 -7.06 19.65 30.76
N LEU A 464 -6.24 18.62 30.94
CA LEU A 464 -4.98 18.81 31.64
C LEU A 464 -4.07 19.76 30.89
N HIS A 465 -4.00 19.61 29.56
CA HIS A 465 -3.20 20.55 28.77
C HIS A 465 -3.74 21.96 28.87
N ARG A 466 -5.08 22.12 28.80
CA ARG A 466 -5.67 23.45 28.94
C ARG A 466 -5.32 24.05 30.30
N ASP A 467 -5.40 23.26 31.36
CA ASP A 467 -5.09 23.78 32.69
C ASP A 467 -3.60 24.10 32.82
N LEU A 468 -2.75 23.23 32.29
CA LEU A 468 -1.31 23.49 32.31
C LEU A 468 -0.95 24.78 31.57
N LEU A 469 -1.57 25.01 30.41
CA LEU A 469 -1.20 26.18 29.63
C LEU A 469 -1.70 27.47 30.28
N ALA A 470 -2.89 27.44 30.87
CA ALA A 470 -3.41 28.62 31.56
C ALA A 470 -2.56 28.93 32.79
N THR A 471 -2.23 27.91 33.58
CA THR A 471 -1.43 28.10 34.79
C THR A 471 -0.02 28.54 34.46
N ARG A 472 0.56 28.00 33.38
CA ARG A 472 1.87 28.41 32.91
C ARG A 472 1.88 29.90 32.57
N ARG A 473 0.85 30.35 31.86
CA ARG A 473 0.81 31.75 31.49
C ARG A 473 0.64 32.68 32.69
N THR A 474 -0.10 32.23 33.71
CA THR A 474 -0.32 33.07 34.88
C THR A 474 0.89 33.09 35.81
N HIS A 475 1.48 31.93 36.08
CA HIS A 475 2.46 31.80 37.16
C HIS A 475 3.88 31.52 36.69
N LEU A 476 4.08 31.12 35.44
CA LEU A 476 5.41 30.87 34.89
C LEU A 476 5.64 31.74 33.66
N ARG A 477 5.24 33.01 33.75
CA ARG A 477 5.35 33.95 32.64
C ARG A 477 6.63 34.77 32.67
N GLY A 478 7.47 34.58 33.69
CA GLY A 478 8.67 35.35 33.85
C GLY A 478 9.92 34.59 33.40
N THR A 479 11.08 35.19 33.73
CA THR A 479 12.38 34.69 33.32
C THR A 479 13.10 33.93 34.44
N GLU A 480 12.35 33.47 35.43
CA GLU A 480 12.95 32.78 36.57
C GLU A 480 13.59 31.45 36.13
N PRO A 481 14.85 31.20 36.49
CA PRO A 481 15.52 29.96 36.09
C PRO A 481 15.18 28.82 37.06
N ILE A 482 15.58 27.61 36.64
CA ILE A 482 15.42 26.44 37.51
C ILE A 482 16.41 26.50 38.67
N VAL A 483 15.89 26.29 39.87
CA VAL A 483 16.68 26.05 41.07
C VAL A 483 16.38 24.62 41.52
N TRP A 484 17.37 23.72 41.39
CA TRP A 484 17.16 22.32 41.77
C TRP A 484 17.04 22.20 43.29
N LEU A 485 16.08 21.39 43.75
CA LEU A 485 15.86 21.17 45.17
C LEU A 485 16.69 20.00 45.69
N SER A 486 16.86 19.94 47.01
CA SER A 486 17.81 19.03 47.63
C SER A 486 17.41 17.57 47.39
N PRO A 487 18.39 16.66 47.36
CA PRO A 487 18.07 15.26 47.05
C PRO A 487 17.22 14.63 48.13
N ALA A 488 16.29 13.77 47.69
CA ALA A 488 15.40 13.07 48.61
C ALA A 488 15.08 11.65 48.14
N GLY A 489 15.89 11.07 47.25
CA GLY A 489 15.59 9.73 46.74
C GLY A 489 15.70 9.60 45.22
N ALA A 490 15.92 8.37 44.72
CA ALA A 490 16.38 8.18 43.35
C ALA A 490 15.30 8.44 42.31
N GLU A 491 14.02 8.29 42.66
CA GLU A 491 12.97 8.34 41.65
C GLU A 491 12.20 9.66 41.69
N VAL A 492 12.74 10.69 42.33
CA VAL A 492 12.08 11.99 42.45
C VAL A 492 12.91 13.04 41.72
N LEU A 493 12.23 13.91 40.99
CA LEU A 493 12.83 15.09 40.35
C LEU A 493 12.08 16.32 40.84
N ALA A 494 12.79 17.31 41.39
CA ALA A 494 12.09 18.45 41.96
C ALA A 494 12.89 19.71 41.80
N PHE A 495 12.19 20.80 41.48
CA PHE A 495 12.85 22.09 41.31
C PHE A 495 11.86 23.21 41.60
N ARG A 496 12.40 24.41 41.67
CA ARG A 496 11.64 25.61 41.93
C ARG A 496 12.01 26.65 40.89
N ARG A 497 11.03 27.46 40.46
CA ARG A 497 11.27 28.64 39.63
C ARG A 497 10.55 29.77 40.35
N GLY A 498 11.30 30.64 41.01
CA GLY A 498 10.66 31.67 41.81
C GLY A 498 9.85 31.03 42.91
N ASP A 499 8.56 31.30 42.97
CA ASP A 499 7.69 30.76 44.02
C ASP A 499 6.96 29.50 43.60
N VAL A 500 7.26 28.94 42.43
CA VAL A 500 6.56 27.76 41.94
C VAL A 500 7.47 26.55 42.12
N VAL A 501 6.97 25.53 42.82
CA VAL A 501 7.71 24.29 43.05
C VAL A 501 7.09 23.20 42.19
N VAL A 502 7.95 22.40 41.54
CA VAL A 502 7.51 21.34 40.64
C VAL A 502 8.15 20.06 41.14
N VAL A 503 7.33 19.05 41.42
CA VAL A 503 7.82 17.74 41.84
C VAL A 503 7.26 16.69 40.89
N THR A 504 8.12 15.86 40.33
CA THR A 504 7.69 14.71 39.53
C THR A 504 8.14 13.45 40.24
N ASN A 505 7.18 12.61 40.61
CA ASN A 505 7.47 11.31 41.20
C ASN A 505 7.46 10.25 40.09
N PHE A 506 8.65 9.81 39.67
CA PHE A 506 8.77 8.80 38.62
C PHE A 506 8.48 7.39 39.13
N GLY A 507 8.46 7.20 40.45
CA GLY A 507 8.46 5.86 41.02
C GLY A 507 7.06 5.33 41.30
N SER A 508 7.05 4.10 41.84
CA SER A 508 5.83 3.36 42.07
C SER A 508 5.20 3.62 43.43
N ALA A 509 5.94 4.23 44.35
CA ALA A 509 5.52 4.55 45.71
C ALA A 509 5.13 6.01 45.83
N PRO A 510 4.18 6.34 46.70
CA PRO A 510 3.90 7.74 47.00
C PRO A 510 5.13 8.42 47.62
N PHE A 511 5.22 9.74 47.41
CA PHE A 511 6.37 10.51 47.86
C PHE A 511 5.89 11.66 48.73
N THR A 512 6.44 11.78 49.95
CA THR A 512 6.14 12.91 50.83
C THR A 512 7.29 13.91 50.78
N PRO A 513 7.09 15.11 50.26
CA PRO A 513 8.21 16.06 50.20
C PRO A 513 8.72 16.41 51.57
N PRO A 514 10.01 16.73 51.69
CA PRO A 514 10.58 17.14 52.97
C PRO A 514 10.14 18.54 53.36
N SER A 515 10.06 18.77 54.67
CA SER A 515 9.73 20.11 55.18
C SER A 515 10.76 21.16 54.78
N ALA A 516 11.98 20.73 54.46
CA ALA A 516 13.04 21.65 54.07
C ALA A 516 12.71 22.44 52.81
N TRP A 517 11.78 21.94 51.99
CA TRP A 517 11.45 22.69 50.78
C TRP A 517 10.45 23.81 51.03
N GLY A 518 9.82 23.85 52.20
CA GLY A 518 8.83 24.86 52.53
C GLY A 518 7.41 24.32 52.41
N ALA A 519 6.47 25.09 52.95
CA ALA A 519 5.06 24.72 52.86
C ALA A 519 4.55 24.95 51.44
N LEU A 520 3.95 23.92 50.86
CA LEU A 520 3.55 23.94 49.46
C LEU A 520 2.03 23.98 49.33
N SER A 521 1.51 24.97 48.58
CA SER A 521 0.09 25.01 48.26
C SER A 521 -0.11 24.56 46.82
N PRO A 522 -0.87 23.50 46.57
CA PRO A 522 -0.95 22.95 45.20
C PRO A 522 -1.67 23.89 44.24
N LEU A 523 -1.13 23.97 43.03
CA LEU A 523 -1.74 24.65 41.90
C LEU A 523 -2.46 23.66 41.00
N LEU A 524 -1.76 22.61 40.57
CA LEU A 524 -2.35 21.59 39.73
C LEU A 524 -1.52 20.33 39.85
N ALA A 525 -2.09 19.23 39.35
CA ALA A 525 -1.34 17.98 39.32
C ALA A 525 -1.77 17.21 38.10
N SER A 526 -0.89 16.29 37.67
CA SER A 526 -1.20 15.45 36.51
C SER A 526 -2.17 14.34 36.85
N GLN A 527 -2.53 14.20 38.12
CA GLN A 527 -3.61 13.34 38.58
C GLN A 527 -4.50 14.16 39.51
N PRO A 528 -5.83 13.95 39.48
CA PRO A 528 -6.81 14.54 40.37
C PRO A 528 -6.29 14.81 41.79
N GLY A 531 -6.14 14.85 47.93
CA GLY A 531 -6.08 16.12 48.64
C GLY A 531 -5.04 16.15 49.74
N SER A 532 -3.89 15.55 49.48
CA SER A 532 -2.81 15.41 50.46
C SER A 532 -1.56 16.14 49.97
N ALA A 533 -0.59 16.26 50.89
CA ALA A 533 0.71 16.79 50.51
C ALA A 533 1.55 15.78 49.74
N THR A 534 1.23 14.49 49.83
CA THR A 534 2.06 13.49 49.15
C THR A 534 1.84 13.54 47.65
N VAL A 535 2.92 13.32 46.91
CA VAL A 535 2.86 13.23 45.45
C VAL A 535 2.61 11.76 45.08
N PRO A 536 1.48 11.44 44.45
CA PRO A 536 1.17 10.04 44.17
C PRO A 536 2.13 9.47 43.14
N PRO A 537 2.17 8.14 42.98
CA PRO A 537 3.08 7.54 41.99
C PRO A 537 2.86 8.08 40.59
N GLU A 538 3.95 8.21 39.84
CA GLU A 538 3.93 8.60 38.43
C GLU A 538 3.10 9.86 38.20
N THR A 539 3.38 10.90 38.98
CA THR A 539 2.59 12.12 38.98
C THR A 539 3.52 13.33 39.08
N THR A 540 3.13 14.41 38.40
CA THR A 540 3.79 15.72 38.53
C THR A 540 2.84 16.68 39.24
N VAL A 541 3.36 17.40 40.25
CA VAL A 541 2.57 18.40 40.96
C VAL A 541 3.26 19.75 40.85
N TRP A 542 2.47 20.80 40.56
CA TRP A 542 2.92 22.18 40.63
C TRP A 542 2.33 22.80 41.90
N SER A 543 3.15 23.47 42.70
CA SER A 543 2.68 24.09 43.93
C SER A 543 3.28 25.48 44.05
N ARG A 544 2.79 26.25 45.01
CA ARG A 544 3.37 27.56 45.31
C ARG A 544 3.83 27.63 46.76
N LEU A 545 4.95 28.33 46.97
CA LEU A 545 5.42 28.76 48.28
C LEU A 545 4.76 30.07 48.70
N HIS A 546 4.84 30.38 50.00
CA HIS A 546 4.53 31.70 50.57
C HIS A 546 3.05 32.07 50.48
N ARG A 547 2.13 31.11 50.56
CA ARG A 547 0.71 31.42 50.48
C ARG A 547 0.07 31.63 51.84
N GLY A 548 0.86 31.72 52.91
CA GLY A 548 0.35 32.03 54.23
C GLY A 548 -0.32 30.89 54.96
N VAL A 549 -0.06 29.65 54.57
CA VAL A 549 -0.77 28.49 55.11
C VAL A 549 0.23 27.51 55.71
N ALA A 550 -0.03 27.08 56.95
CA ALA A 550 0.54 25.84 57.48
C ALA A 550 2.04 25.72 57.38
N ALA B 1 -30.61 -4.30 -19.38
CA ALA B 1 -30.90 -5.22 -18.27
C ALA B 1 -29.90 -6.37 -18.25
N PHE B 2 -29.15 -6.45 -17.14
CA PHE B 2 -28.03 -7.38 -17.04
C PHE B 2 -28.48 -8.83 -17.15
N SER B 3 -27.64 -9.65 -17.79
CA SER B 3 -27.92 -11.08 -17.90
C SER B 3 -26.59 -11.81 -17.83
N TRP B 4 -26.48 -12.77 -16.91
CA TRP B 4 -25.26 -13.58 -16.86
C TRP B 4 -25.05 -14.31 -18.17
N ARG B 5 -26.14 -14.62 -18.89
CA ARG B 5 -26.03 -15.34 -20.15
C ARG B 5 -25.11 -14.62 -21.13
N ASP B 6 -25.18 -13.29 -21.17
CA ASP B 6 -24.46 -12.46 -22.14
C ASP B 6 -23.36 -11.62 -21.51
N ALA B 7 -22.99 -11.89 -20.26
CA ALA B 7 -22.09 -10.98 -19.54
C ALA B 7 -20.69 -10.96 -20.16
N VAL B 8 -20.07 -9.79 -20.16
CA VAL B 8 -18.64 -9.68 -20.44
C VAL B 8 -17.94 -9.40 -19.12
N VAL B 9 -17.07 -10.32 -18.72
CA VAL B 9 -16.45 -10.31 -17.40
C VAL B 9 -14.97 -9.96 -17.52
N TYR B 10 -14.53 -8.98 -16.74
CA TYR B 10 -13.12 -8.60 -16.69
C TYR B 10 -12.45 -9.34 -15.54
N GLN B 11 -11.43 -10.14 -15.85
CA GLN B 11 -10.72 -10.88 -14.81
C GLN B 11 -9.61 -10.03 -14.23
N VAL B 12 -9.72 -9.70 -12.94
CA VAL B 12 -8.76 -8.84 -12.24
C VAL B 12 -7.79 -9.72 -11.45
N TYR B 13 -6.52 -9.73 -11.86
CA TYR B 13 -5.45 -10.40 -11.12
C TYR B 13 -4.90 -9.32 -10.19
N LEU B 14 -5.47 -9.24 -8.98
CA LEU B 14 -5.34 -8.05 -8.14
C LEU B 14 -3.89 -7.70 -7.86
N ARG B 15 -3.04 -8.71 -7.67
CA ARG B 15 -1.63 -8.47 -7.35
C ARG B 15 -0.93 -7.66 -8.43
N SER B 16 -1.47 -7.65 -9.65
CA SER B 16 -0.78 -6.99 -10.76
C SER B 16 -1.64 -5.94 -11.47
N PHE B 17 -2.77 -5.55 -10.89
CA PHE B 17 -3.65 -4.58 -11.53
C PHE B 17 -3.21 -3.15 -11.21
N ARG B 18 -3.25 -2.75 -9.93
CA ARG B 18 -2.90 -1.38 -9.55
C ARG B 18 -2.53 -1.36 -8.07
N ASP B 19 -1.44 -0.65 -7.76
CA ASP B 19 -0.79 -0.63 -6.45
C ASP B 19 -0.95 0.77 -5.82
N ALA B 20 -1.92 0.90 -4.91
CA ALA B 20 -2.29 2.22 -4.38
C ALA B 20 -1.29 2.77 -3.35
N ASN B 21 -0.56 1.92 -2.63
CA ASN B 21 0.36 2.42 -1.62
C ASN B 21 1.83 2.29 -2.01
N GLY B 22 2.13 1.82 -3.21
CA GLY B 22 3.51 1.86 -3.67
C GLY B 22 4.45 0.85 -3.06
N ASP B 23 3.97 -0.28 -2.56
CA ASP B 23 4.85 -1.33 -2.06
C ASP B 23 5.13 -2.43 -3.10
N GLY B 24 4.62 -2.27 -4.32
CA GLY B 24 4.89 -3.21 -5.39
C GLY B 24 3.83 -4.29 -5.58
N ILE B 25 2.88 -4.37 -4.68
CA ILE B 25 1.82 -5.38 -4.69
C ILE B 25 0.50 -4.69 -5.03
N GLY B 26 -0.13 -5.11 -6.12
CA GLY B 26 -1.45 -4.58 -6.42
C GLY B 26 -2.43 -4.87 -5.30
N ASP B 27 -3.42 -3.99 -5.12
CA ASP B 27 -4.25 -4.08 -3.92
C ASP B 27 -5.67 -3.62 -4.22
N LEU B 28 -6.53 -3.71 -3.19
CA LEU B 28 -7.93 -3.32 -3.34
C LEU B 28 -8.08 -1.81 -3.54
N GLY B 29 -7.25 -1.01 -2.87
CA GLY B 29 -7.32 0.43 -3.12
C GLY B 29 -7.00 0.76 -4.57
N GLY B 30 -6.05 0.01 -5.15
CA GLY B 30 -5.72 0.20 -6.55
C GLY B 30 -6.84 -0.25 -7.48
N LEU B 31 -7.53 -1.34 -7.13
CA LEU B 31 -8.67 -1.75 -7.94
C LEU B 31 -9.77 -0.68 -7.91
N SER B 32 -10.04 -0.10 -6.74
CA SER B 32 -10.95 1.03 -6.65
C SER B 32 -10.58 2.12 -7.64
N GLN B 33 -9.28 2.44 -7.75
CA GLN B 33 -8.86 3.50 -8.65
C GLN B 33 -9.09 3.14 -10.11
N GLY B 34 -9.07 1.84 -10.43
CA GLY B 34 -9.19 1.38 -11.80
C GLY B 34 -10.56 0.89 -12.22
N LEU B 35 -11.56 0.89 -11.32
CA LEU B 35 -12.88 0.40 -11.67
C LEU B 35 -13.52 1.22 -12.79
N ASP B 36 -13.31 2.54 -12.78
CA ASP B 36 -13.82 3.41 -13.84
C ASP B 36 -13.35 2.94 -15.21
N ALA B 37 -12.07 2.55 -15.31
CA ALA B 37 -11.51 2.10 -16.58
C ALA B 37 -12.16 0.79 -17.06
N ILE B 38 -12.44 -0.13 -16.13
CA ILE B 38 -13.10 -1.38 -16.51
C ILE B 38 -14.52 -1.11 -17.00
N ALA B 39 -15.23 -0.22 -16.31
CA ALA B 39 -16.61 0.06 -16.72
C ALA B 39 -16.62 0.82 -18.06
N ALA B 40 -15.66 1.71 -18.26
CA ALA B 40 -15.61 2.48 -19.50
C ALA B 40 -15.25 1.59 -20.68
N LEU B 41 -14.53 0.50 -20.43
CA LEU B 41 -14.26 -0.45 -21.50
C LEU B 41 -15.54 -1.09 -22.01
N GLY B 42 -16.52 -1.28 -21.12
CA GLY B 42 -17.81 -1.81 -21.50
C GLY B 42 -18.14 -3.13 -20.83
N CYS B 43 -17.35 -3.52 -19.85
CA CYS B 43 -17.61 -4.79 -19.17
C CYS B 43 -18.82 -4.71 -18.26
N ASP B 44 -19.37 -5.89 -17.99
CA ASP B 44 -20.59 -6.12 -17.22
C ASP B 44 -20.29 -6.62 -15.81
N ALA B 45 -19.08 -7.14 -15.58
CA ALA B 45 -18.77 -7.81 -14.31
C ALA B 45 -17.26 -7.87 -14.17
N ILE B 46 -16.82 -8.20 -12.97
CA ILE B 46 -15.41 -8.48 -12.68
C ILE B 46 -15.33 -9.80 -11.94
N TRP B 47 -14.24 -10.52 -12.17
CA TRP B 47 -13.91 -11.70 -11.36
C TRP B 47 -12.57 -11.42 -10.70
N LEU B 48 -12.55 -11.42 -9.37
CA LEU B 48 -11.30 -11.25 -8.63
C LEU B 48 -10.64 -12.59 -8.39
N ASN B 49 -9.39 -12.70 -8.82
CA ASN B 49 -8.54 -13.80 -8.37
C ASN B 49 -8.40 -13.74 -6.84
N PRO B 50 -8.02 -14.85 -6.20
CA PRO B 50 -8.13 -14.95 -4.73
C PRO B 50 -7.35 -13.86 -4.00
N CYS B 51 -8.05 -13.16 -3.11
CA CYS B 51 -7.45 -12.11 -2.30
C CYS B 51 -7.62 -12.39 -0.80
N TYR B 52 -7.83 -13.65 -0.43
CA TYR B 52 -7.94 -14.03 0.96
C TYR B 52 -6.56 -14.16 1.59
N ALA B 53 -6.54 -14.23 2.93
CA ALA B 53 -5.27 -14.41 3.64
C ALA B 53 -4.54 -15.62 3.08
N SER B 54 -3.30 -15.38 2.63
CA SER B 54 -2.56 -16.42 1.93
C SER B 54 -1.07 -16.15 2.07
N PRO B 55 -0.24 -17.17 2.29
CA PRO B 55 1.21 -16.95 2.28
C PRO B 55 1.79 -16.79 0.88
N GLN B 56 0.96 -16.91 -0.17
CA GLN B 56 1.31 -16.64 -1.55
C GLN B 56 2.26 -17.66 -2.18
N ARG B 57 2.33 -18.88 -1.63
CA ARG B 57 3.17 -19.90 -2.26
C ARG B 57 2.62 -20.31 -3.63
N ASP B 58 1.31 -20.17 -3.84
CA ASP B 58 0.68 -20.26 -5.15
C ASP B 58 -0.14 -19.00 -5.39
N HIS B 59 0.38 -17.88 -4.89
CA HIS B 59 -0.13 -16.53 -5.15
C HIS B 59 -1.65 -16.44 -5.02
N GLY B 60 -2.12 -16.84 -3.84
CA GLY B 60 -3.50 -16.70 -3.48
C GLY B 60 -4.29 -17.99 -3.53
N TYR B 61 -3.87 -18.97 -4.32
CA TYR B 61 -4.61 -20.22 -4.40
C TYR B 61 -4.20 -21.18 -3.29
N ASP B 62 -3.36 -20.73 -2.34
CA ASP B 62 -3.08 -21.42 -1.08
C ASP B 62 -3.64 -20.55 0.06
N ILE B 63 -4.85 -20.84 0.51
CA ILE B 63 -5.60 -19.94 1.38
C ILE B 63 -5.45 -20.35 2.84
N ALA B 64 -5.03 -19.41 3.70
CA ALA B 64 -4.88 -19.71 5.11
C ALA B 64 -6.08 -19.33 5.96
N ASP B 65 -7.00 -18.51 5.44
CA ASP B 65 -8.21 -18.13 6.15
C ASP B 65 -9.20 -17.66 5.09
N TYR B 66 -10.31 -18.39 4.92
CA TYR B 66 -11.26 -18.09 3.86
C TYR B 66 -12.19 -16.92 4.16
N LEU B 67 -12.17 -16.38 5.38
CA LEU B 67 -13.10 -15.33 5.78
C LEU B 67 -12.42 -13.99 6.01
N THR B 68 -11.19 -13.83 5.52
CA THR B 68 -10.45 -12.60 5.75
C THR B 68 -9.70 -12.19 4.48
N ILE B 69 -9.56 -10.87 4.29
CA ILE B 69 -8.75 -10.32 3.21
C ILE B 69 -7.28 -10.36 3.62
N ASP B 70 -6.40 -10.72 2.69
CA ASP B 70 -4.99 -10.69 3.00
C ASP B 70 -4.55 -9.25 3.30
N PRO B 71 -3.76 -9.03 4.35
CA PRO B 71 -3.40 -7.65 4.71
C PRO B 71 -2.59 -6.95 3.63
N ALA B 72 -1.92 -7.68 2.75
CA ALA B 72 -1.21 -7.04 1.64
C ALA B 72 -2.16 -6.50 0.58
N TYR B 73 -3.42 -6.93 0.60
CA TYR B 73 -4.41 -6.48 -0.36
C TYR B 73 -5.36 -5.43 0.20
N GLY B 74 -5.49 -5.37 1.52
CA GLY B 74 -6.34 -4.35 2.11
C GLY B 74 -7.10 -4.90 3.29
N THR B 75 -8.26 -4.31 3.55
CA THR B 75 -9.13 -4.66 4.66
C THR B 75 -10.49 -5.06 4.11
N LEU B 76 -11.31 -5.66 4.99
CA LEU B 76 -12.69 -5.93 4.63
C LEU B 76 -13.42 -4.64 4.27
N GLU B 77 -13.09 -3.53 4.95
CA GLU B 77 -13.72 -2.25 4.63
C GLU B 77 -13.40 -1.81 3.22
N GLU B 78 -12.14 -1.97 2.80
CA GLU B 78 -11.80 -1.63 1.42
C GLU B 78 -12.48 -2.56 0.44
N PHE B 79 -12.58 -3.85 0.80
CA PHE B 79 -13.32 -4.79 -0.04
C PHE B 79 -14.77 -4.35 -0.24
N ASP B 80 -15.43 -3.95 0.85
CA ASP B 80 -16.82 -3.51 0.75
C ASP B 80 -16.96 -2.28 -0.13
N GLU B 81 -15.95 -1.43 -0.14
CA GLU B 81 -16.01 -0.25 -1.02
C GLU B 81 -15.78 -0.64 -2.48
N VAL B 82 -14.93 -1.63 -2.74
CA VAL B 82 -14.80 -2.17 -4.10
C VAL B 82 -16.15 -2.69 -4.59
N VAL B 83 -16.82 -3.50 -3.77
CA VAL B 83 -18.11 -4.07 -4.18
C VAL B 83 -19.14 -2.97 -4.39
N ARG B 84 -19.23 -2.01 -3.45
CA ARG B 84 -20.21 -0.93 -3.58
C ARG B 84 -19.97 -0.12 -4.85
N ARG B 85 -18.71 0.24 -5.11
CA ARG B 85 -18.41 1.05 -6.29
C ARG B 85 -18.61 0.26 -7.56
N ALA B 86 -18.15 -1.00 -7.60
CA ALA B 86 -18.40 -1.84 -8.76
C ALA B 86 -19.89 -1.91 -9.06
N HIS B 87 -20.70 -2.17 -8.03
CA HIS B 87 -22.14 -2.22 -8.25
C HIS B 87 -22.67 -0.88 -8.76
N GLU B 88 -22.15 0.22 -8.24
CA GLU B 88 -22.59 1.54 -8.69
C GLU B 88 -22.27 1.78 -10.16
N LEU B 89 -21.20 1.17 -10.65
CA LEU B 89 -20.83 1.27 -12.07
C LEU B 89 -21.56 0.23 -12.92
N GLY B 90 -22.49 -0.50 -12.33
CA GLY B 90 -23.21 -1.52 -13.07
C GLY B 90 -22.47 -2.83 -13.22
N LEU B 91 -21.41 -3.07 -12.44
CA LEU B 91 -20.63 -4.31 -12.51
C LEU B 91 -21.06 -5.29 -11.45
N ARG B 92 -21.24 -6.56 -11.84
CA ARG B 92 -21.39 -7.63 -10.86
C ARG B 92 -20.01 -8.09 -10.43
N VAL B 93 -19.94 -8.78 -9.29
CA VAL B 93 -18.65 -9.16 -8.71
C VAL B 93 -18.63 -10.66 -8.45
N LEU B 94 -17.69 -11.36 -9.08
CA LEU B 94 -17.43 -12.77 -8.81
C LEU B 94 -16.16 -12.90 -7.97
N MET B 95 -16.23 -13.76 -6.95
CA MET B 95 -15.03 -14.10 -6.21
C MET B 95 -14.57 -15.50 -6.65
N ASP B 96 -13.41 -15.92 -6.18
CA ASP B 96 -12.79 -17.19 -6.57
C ASP B 96 -12.93 -18.18 -5.42
N MET B 97 -13.54 -19.34 -5.68
CA MET B 97 -13.76 -20.36 -4.67
C MET B 97 -12.70 -21.44 -4.86
N VAL B 98 -11.84 -21.62 -3.86
CA VAL B 98 -10.71 -22.53 -3.90
C VAL B 98 -10.90 -23.56 -2.79
N ALA B 99 -11.74 -24.57 -3.05
CA ALA B 99 -12.14 -25.51 -2.03
C ALA B 99 -11.57 -26.92 -2.22
N ASN B 100 -10.76 -27.16 -3.26
CA ASN B 100 -10.12 -28.47 -3.39
C ASN B 100 -9.01 -28.64 -2.35
N HIS B 101 -8.40 -27.54 -1.93
CA HIS B 101 -7.23 -27.54 -1.05
C HIS B 101 -7.17 -26.19 -0.35
N CYS B 102 -6.41 -26.16 0.74
CA CYS B 102 -6.10 -24.94 1.46
C CYS B 102 -4.59 -24.84 1.62
N SER B 103 -4.13 -23.72 2.21
CA SER B 103 -2.73 -23.60 2.56
C SER B 103 -2.37 -24.50 3.73
N SER B 104 -1.13 -25.00 3.75
CA SER B 104 -0.65 -25.71 4.93
C SER B 104 -0.62 -24.81 6.16
N ASP B 105 -0.67 -23.47 5.96
CA ASP B 105 -0.75 -22.52 7.06
C ASP B 105 -2.14 -22.45 7.67
N HIS B 106 -3.16 -22.99 7.01
CA HIS B 106 -4.52 -22.93 7.55
C HIS B 106 -4.58 -23.61 8.92
N ALA B 107 -5.38 -23.03 9.82
CA ALA B 107 -5.47 -23.57 11.18
C ALA B 107 -5.84 -25.05 11.19
N TRP B 108 -6.72 -25.48 10.29
CA TRP B 108 -7.11 -26.90 10.28
C TRP B 108 -5.94 -27.79 9.94
N PHE B 109 -5.05 -27.32 9.06
CA PHE B 109 -3.95 -28.19 8.67
C PHE B 109 -2.85 -28.20 9.71
N GLN B 110 -2.63 -27.05 10.36
CA GLN B 110 -1.74 -27.02 11.52
C GLN B 110 -2.22 -28.01 12.59
N ALA B 111 -3.53 -28.11 12.78
CA ALA B 111 -4.07 -29.05 13.75
C ALA B 111 -3.85 -30.49 13.31
N ALA B 112 -4.03 -30.77 12.02
CA ALA B 112 -3.80 -32.10 11.49
C ALA B 112 -2.36 -32.54 11.71
N LEU B 113 -1.41 -31.65 11.41
CA LEU B 113 0.00 -31.98 11.60
C LEU B 113 0.33 -32.28 13.06
N ALA B 114 -0.34 -31.60 13.99
CA ALA B 114 -0.01 -31.78 15.41
C ALA B 114 -0.75 -32.96 16.02
N ALA B 115 -1.74 -33.52 15.35
CA ALA B 115 -2.55 -34.63 15.84
C ALA B 115 -1.91 -35.95 15.42
N GLU B 116 -2.48 -37.05 15.87
CA GLU B 116 -1.91 -38.37 15.59
C GLU B 116 -2.59 -39.01 14.39
N PRO B 117 -1.98 -40.06 13.82
CA PRO B 117 -2.65 -40.80 12.74
C PRO B 117 -4.05 -41.24 13.14
N GLY B 118 -4.97 -41.18 12.18
CA GLY B 118 -6.34 -41.59 12.41
C GLY B 118 -7.20 -40.59 13.15
N SER B 119 -6.64 -39.47 13.61
CA SER B 119 -7.37 -38.43 14.32
C SER B 119 -8.43 -37.78 13.42
N ASP B 120 -9.40 -37.12 14.05
CA ASP B 120 -10.39 -36.37 13.27
C ASP B 120 -9.74 -35.21 12.54
N GLU B 121 -8.70 -34.63 13.14
CA GLU B 121 -8.00 -33.52 12.49
C GLU B 121 -7.41 -33.96 11.16
N ARG B 122 -6.75 -35.12 11.14
CA ARG B 122 -6.22 -35.61 9.87
C ARG B 122 -7.32 -36.14 8.96
N ALA B 123 -8.46 -36.54 9.51
CA ALA B 123 -9.54 -37.08 8.70
C ALA B 123 -10.20 -36.02 7.82
N ARG B 124 -9.97 -34.73 8.09
CA ARG B 124 -10.46 -33.66 7.22
C ARG B 124 -9.55 -33.44 6.02
N PHE B 125 -8.41 -34.14 5.98
CA PHE B 125 -7.46 -34.10 4.88
C PHE B 125 -7.24 -35.52 4.40
N ILE B 126 -6.16 -35.79 3.66
CA ILE B 126 -5.92 -37.13 3.09
C ILE B 126 -4.52 -37.54 3.51
N PHE B 127 -4.41 -38.13 4.70
CA PHE B 127 -3.19 -38.69 5.24
C PHE B 127 -3.23 -40.21 5.08
N ARG B 128 -2.11 -40.79 4.63
CA ARG B 128 -2.02 -42.24 4.49
C ARG B 128 -0.63 -42.69 4.92
N ASP B 129 -0.55 -43.95 5.36
CA ASP B 129 0.75 -44.57 5.57
C ASP B 129 1.50 -44.68 4.26
N GLY B 130 2.83 -44.53 4.33
CA GLY B 130 3.65 -44.79 3.17
C GLY B 130 3.80 -46.28 2.89
N LEU B 131 4.35 -46.59 1.72
CA LEU B 131 4.66 -47.96 1.36
C LEU B 131 6.15 -48.21 1.55
N GLY B 132 6.55 -49.48 1.36
CA GLY B 132 7.91 -49.85 1.62
C GLY B 132 8.13 -50.22 3.07
N PRO B 133 9.25 -50.90 3.36
CA PRO B 133 9.46 -51.42 4.72
C PRO B 133 9.54 -50.35 5.79
N ASP B 134 9.92 -49.13 5.43
CA ASP B 134 9.99 -48.03 6.39
C ASP B 134 8.99 -46.92 6.06
N GLY B 135 7.97 -47.22 5.24
CA GLY B 135 7.01 -46.21 4.86
C GLY B 135 7.58 -45.13 3.98
N GLU B 136 8.71 -45.38 3.33
CA GLU B 136 9.46 -44.36 2.62
C GLU B 136 8.97 -44.13 1.20
N LEU B 137 8.09 -44.97 0.69
CA LEU B 137 7.49 -44.74 -0.61
C LEU B 137 6.15 -44.02 -0.46
N PRO B 138 5.74 -43.22 -1.45
CA PRO B 138 4.45 -42.54 -1.36
C PRO B 138 3.31 -43.53 -1.41
N PRO B 139 2.15 -43.20 -0.84
CA PRO B 139 1.05 -44.18 -0.78
C PRO B 139 0.54 -44.61 -2.15
N ASN B 140 0.66 -43.79 -3.19
CA ASN B 140 0.37 -44.24 -4.55
C ASN B 140 1.26 -43.45 -5.50
N ASN B 141 1.04 -43.63 -6.81
CA ASN B 141 1.94 -43.10 -7.83
C ASN B 141 1.46 -41.77 -8.46
N TRP B 142 0.60 -41.03 -7.77
CA TRP B 142 0.04 -39.83 -8.39
C TRP B 142 1.07 -38.69 -8.46
N ASP B 143 0.97 -37.90 -9.53
CA ASP B 143 1.81 -36.73 -9.76
C ASP B 143 1.09 -35.47 -9.28
N SER B 144 1.84 -34.57 -8.65
CA SER B 144 1.36 -33.19 -8.53
C SER B 144 1.22 -32.55 -9.91
N VAL B 145 0.18 -31.71 -10.07
CA VAL B 145 0.01 -30.97 -11.31
C VAL B 145 1.21 -30.08 -11.58
N PHE B 146 1.91 -29.66 -10.53
CA PHE B 146 3.05 -28.77 -10.66
C PHE B 146 4.38 -29.51 -10.79
N GLY B 147 4.35 -30.83 -10.81
CA GLY B 147 5.57 -31.61 -10.96
C GLY B 147 5.96 -32.29 -9.66
N GLY B 148 6.42 -33.54 -9.78
CA GLY B 148 6.84 -34.31 -8.62
C GLY B 148 5.72 -35.15 -8.04
N LEU B 149 6.01 -35.72 -6.88
CA LEU B 149 5.03 -36.53 -6.16
C LEU B 149 3.86 -35.65 -5.72
N ALA B 150 2.66 -36.22 -5.77
CA ALA B 150 1.49 -35.59 -5.17
C ALA B 150 1.39 -35.84 -3.68
N TRP B 151 2.45 -36.29 -3.01
CA TRP B 151 2.41 -36.57 -1.57
C TRP B 151 3.66 -36.01 -0.91
N THR B 152 3.47 -35.56 0.33
CA THR B 152 4.57 -35.09 1.18
C THR B 152 4.52 -35.82 2.52
N ARG B 153 5.67 -36.31 2.97
CA ARG B 153 5.75 -37.05 4.23
C ARG B 153 5.95 -36.08 5.39
N VAL B 154 5.32 -36.37 6.52
CA VAL B 154 5.37 -35.50 7.69
C VAL B 154 6.22 -36.15 8.78
N THR B 155 6.55 -35.35 9.80
CA THR B 155 7.26 -35.79 10.99
C THR B 155 6.27 -35.95 12.13
N GLU B 156 6.31 -37.10 12.81
CA GLU B 156 5.35 -37.37 13.87
C GLU B 156 5.88 -36.85 15.21
N ARG B 157 5.10 -37.06 16.26
CA ARG B 157 5.41 -36.45 17.55
C ARG B 157 6.74 -36.95 18.10
N ASP B 158 7.04 -38.23 17.92
CA ASP B 158 8.30 -38.78 18.41
C ASP B 158 9.48 -38.41 17.52
N GLY B 159 9.29 -37.54 16.53
CA GLY B 159 10.36 -37.06 15.68
C GLY B 159 10.69 -37.92 14.49
N ARG B 160 10.03 -39.11 14.33
CA ARG B 160 10.31 -39.95 13.17
C ARG B 160 9.42 -39.56 11.99
N PRO B 161 9.89 -39.80 10.77
CA PRO B 161 9.01 -39.63 9.60
C PRO B 161 7.81 -40.55 9.71
N GLY B 162 6.67 -40.07 9.23
CA GLY B 162 5.45 -40.82 9.42
C GLY B 162 4.52 -40.88 8.23
N GLN B 163 3.29 -40.40 8.40
CA GLN B 163 2.34 -40.49 7.29
C GLN B 163 2.69 -39.47 6.21
N TRP B 164 2.06 -39.64 5.05
CA TRP B 164 2.11 -38.69 3.95
C TRP B 164 0.74 -38.04 3.77
N TYR B 165 0.71 -36.80 3.29
CA TYR B 165 -0.57 -36.19 2.91
C TYR B 165 -0.59 -35.88 1.42
N LEU B 166 -1.80 -35.91 0.84
CA LEU B 166 -1.98 -35.69 -0.58
C LEU B 166 -2.12 -34.21 -0.90
N HIS B 167 -1.43 -33.76 -1.95
CA HIS B 167 -1.62 -32.41 -2.49
C HIS B 167 -1.60 -32.51 -4.01
N SER B 168 -2.74 -32.22 -4.63
CA SER B 168 -2.80 -32.26 -6.09
C SER B 168 -1.89 -31.21 -6.70
N PHE B 169 -1.66 -30.11 -5.99
CA PHE B 169 -0.83 -29.02 -6.51
C PHE B 169 0.44 -28.90 -5.67
N ASP B 170 0.73 -27.72 -5.11
CA ASP B 170 1.99 -27.58 -4.39
C ASP B 170 1.94 -28.37 -3.08
N THR B 171 3.14 -28.70 -2.58
CA THR B 171 3.26 -29.33 -1.26
C THR B 171 2.58 -28.51 -0.17
N SER B 172 2.55 -27.18 -0.33
CA SER B 172 1.91 -26.31 0.65
C SER B 172 0.41 -26.17 0.42
N GLN B 173 -0.19 -27.00 -0.44
CA GLN B 173 -1.63 -27.00 -0.70
C GLN B 173 -2.24 -28.38 -0.43
N PRO B 174 -2.34 -28.79 0.83
CA PRO B 174 -2.98 -30.08 1.14
C PRO B 174 -4.45 -30.12 0.68
N ASP B 175 -4.85 -31.26 0.13
CA ASP B 175 -6.22 -31.46 -0.34
C ASP B 175 -7.16 -31.83 0.81
N PHE B 176 -8.36 -31.26 0.80
CA PHE B 176 -9.38 -31.65 1.77
C PHE B 176 -9.88 -33.06 1.48
N ASP B 177 -10.38 -33.71 2.53
CA ASP B 177 -11.20 -34.93 2.38
C ASP B 177 -12.66 -34.49 2.31
N TRP B 178 -13.19 -34.44 1.10
CA TRP B 178 -14.55 -33.95 0.93
C TRP B 178 -15.59 -34.96 1.40
N ARG B 179 -15.18 -36.17 1.76
CA ARG B 179 -16.12 -37.07 2.40
C ARG B 179 -16.29 -36.77 3.88
N HIS B 180 -15.52 -35.85 4.45
CA HIS B 180 -15.68 -35.48 5.86
C HIS B 180 -16.71 -34.37 5.99
N PRO B 181 -17.76 -34.54 6.80
CA PRO B 181 -18.86 -33.56 6.80
C PRO B 181 -18.45 -32.16 7.21
N ALA B 182 -17.37 -32.00 7.99
CA ALA B 182 -16.98 -30.66 8.41
C ALA B 182 -16.53 -29.82 7.22
N VAL B 183 -16.00 -30.45 6.18
CA VAL B 183 -15.53 -29.73 5.01
C VAL B 183 -16.68 -29.02 4.31
N ALA B 184 -17.75 -29.76 3.98
CA ALA B 184 -18.88 -29.12 3.31
C ALA B 184 -19.51 -28.04 4.20
N GLU B 185 -19.54 -28.27 5.51
CA GLU B 185 -20.09 -27.28 6.45
C GLU B 185 -19.29 -25.98 6.42
N HIS B 186 -17.96 -26.11 6.48
CA HIS B 186 -17.09 -24.94 6.40
C HIS B 186 -17.35 -24.13 5.13
N PHE B 187 -17.52 -24.81 3.99
CA PHE B 187 -17.60 -24.07 2.74
C PHE B 187 -18.99 -23.51 2.47
N GLU B 188 -20.05 -24.11 3.02
CA GLU B 188 -21.33 -23.42 2.98
C GLU B 188 -21.27 -22.11 3.75
N ASN B 189 -20.54 -22.09 4.87
CA ASN B 189 -20.39 -20.83 5.60
C ASN B 189 -19.57 -19.82 4.81
N VAL B 190 -18.54 -20.29 4.10
CA VAL B 190 -17.74 -19.39 3.26
C VAL B 190 -18.62 -18.73 2.20
N LEU B 191 -19.44 -19.53 1.51
CA LEU B 191 -20.36 -18.97 0.52
C LEU B 191 -21.31 -17.94 1.13
N ARG B 192 -21.92 -18.29 2.27
CA ARG B 192 -22.88 -17.36 2.84
C ARG B 192 -22.21 -16.11 3.36
N PHE B 193 -20.99 -16.23 3.88
CA PHE B 193 -20.27 -15.05 4.36
C PHE B 193 -20.05 -14.04 3.25
N TRP B 194 -19.55 -14.48 2.10
CA TRP B 194 -19.24 -13.54 1.03
C TRP B 194 -20.48 -13.08 0.29
N PHE B 195 -21.49 -13.95 0.12
CA PHE B 195 -22.76 -13.53 -0.45
C PHE B 195 -23.44 -12.45 0.39
N GLU B 196 -23.25 -12.50 1.72
CA GLU B 196 -23.85 -11.47 2.58
C GLU B 196 -23.27 -10.10 2.31
N ARG B 197 -22.04 -10.03 1.81
CA ARG B 197 -21.41 -8.75 1.47
C ARG B 197 -21.76 -8.29 0.06
N GLY B 198 -22.68 -8.96 -0.63
CA GLY B 198 -23.10 -8.51 -1.94
C GLY B 198 -22.36 -9.14 -3.09
N VAL B 199 -21.45 -10.10 -2.83
CA VAL B 199 -20.81 -10.82 -3.93
C VAL B 199 -21.90 -11.52 -4.74
N ASP B 200 -21.77 -11.46 -6.07
CA ASP B 200 -22.80 -11.96 -6.97
C ASP B 200 -22.61 -13.42 -7.38
N GLY B 201 -21.46 -14.00 -7.12
CA GLY B 201 -21.27 -15.39 -7.46
C GLY B 201 -19.80 -15.74 -7.35
N PHE B 202 -19.48 -16.99 -7.74
CA PHE B 202 -18.13 -17.49 -7.63
C PHE B 202 -17.68 -18.16 -8.92
N ARG B 203 -16.42 -17.94 -9.26
CA ARG B 203 -15.68 -18.81 -10.16
C ARG B 203 -15.09 -19.94 -9.32
N ILE B 204 -15.31 -21.18 -9.74
CA ILE B 204 -14.93 -22.34 -8.94
C ILE B 204 -13.60 -22.91 -9.48
N ASP B 205 -12.55 -22.75 -8.68
CA ASP B 205 -11.23 -23.30 -8.96
C ASP B 205 -11.27 -24.83 -8.91
N VAL B 206 -10.63 -25.47 -9.91
CA VAL B 206 -10.52 -26.93 -9.98
C VAL B 206 -11.88 -27.57 -9.73
N ALA B 207 -12.85 -27.22 -10.56
CA ALA B 207 -14.20 -27.72 -10.32
C ALA B 207 -14.30 -29.22 -10.57
N HIS B 208 -13.37 -29.79 -11.34
CA HIS B 208 -13.25 -31.23 -11.52
C HIS B 208 -12.59 -31.92 -10.33
N GLY B 209 -12.27 -31.17 -9.29
CA GLY B 209 -11.62 -31.73 -8.11
C GLY B 209 -12.61 -32.02 -7.01
N HIS B 210 -12.17 -31.76 -5.77
CA HIS B 210 -12.88 -32.03 -4.51
C HIS B 210 -12.96 -33.51 -4.17
N PHE B 211 -13.66 -34.31 -4.95
CA PHE B 211 -13.76 -35.73 -4.66
C PHE B 211 -12.77 -36.54 -5.49
N LYS B 212 -12.12 -37.51 -4.84
CA LYS B 212 -11.28 -38.49 -5.50
C LYS B 212 -11.93 -39.87 -5.30
N ASP B 213 -11.50 -40.83 -6.12
CA ASP B 213 -11.91 -42.21 -5.91
C ASP B 213 -11.59 -42.65 -4.49
N ALA B 214 -12.56 -43.32 -3.84
CA ALA B 214 -12.40 -43.67 -2.43
C ALA B 214 -11.20 -44.58 -2.18
N ALA B 215 -10.75 -45.31 -3.19
CA ALA B 215 -9.62 -46.23 -3.05
C ALA B 215 -8.28 -45.58 -3.32
N LEU B 216 -8.25 -44.31 -3.78
CA LEU B 216 -7.05 -43.60 -4.25
C LEU B 216 -6.16 -44.53 -5.08
N PRO B 217 -6.70 -45.18 -6.10
CA PRO B 217 -5.96 -46.23 -6.80
C PRO B 217 -4.83 -45.66 -7.64
N ASP B 218 -3.74 -46.43 -7.74
CA ASP B 218 -2.66 -46.06 -8.63
C ASP B 218 -3.22 -45.70 -10.00
N HIS B 219 -2.63 -44.71 -10.64
CA HIS B 219 -2.93 -44.39 -12.03
C HIS B 219 -2.33 -45.47 -12.92
N PRO B 220 -3.13 -46.28 -13.62
CA PRO B 220 -2.55 -47.39 -14.38
C PRO B 220 -1.73 -46.94 -15.58
N GLY B 221 -1.81 -45.67 -15.97
CA GLY B 221 -1.06 -45.19 -17.10
C GLY B 221 0.36 -44.76 -16.80
N GLY B 222 0.74 -44.71 -15.53
CA GLY B 222 2.07 -44.30 -15.15
C GLY B 222 2.13 -42.91 -14.56
N ARG B 223 3.20 -42.18 -14.89
CA ARG B 223 3.42 -40.80 -14.49
C ARG B 223 3.66 -39.95 -15.73
N GLY B 224 3.57 -38.62 -15.56
CA GLY B 224 3.95 -37.69 -16.60
C GLY B 224 2.90 -37.49 -17.68
N PRO B 225 3.25 -36.69 -18.69
CA PRO B 225 2.28 -36.33 -19.75
C PRO B 225 1.72 -37.51 -20.54
N ASP B 226 2.48 -38.56 -20.76
CA ASP B 226 1.96 -39.67 -21.57
C ASP B 226 1.11 -40.64 -20.76
N ALA B 227 1.01 -40.45 -19.45
CA ALA B 227 0.15 -41.31 -18.65
C ALA B 227 -1.32 -41.09 -18.96
N GLY B 228 -1.66 -39.92 -19.49
CA GLY B 228 -3.05 -39.61 -19.75
C GLY B 228 -3.79 -39.16 -18.50
N HIS B 229 -5.08 -38.94 -18.67
CA HIS B 229 -5.91 -38.45 -17.60
C HIS B 229 -5.98 -39.46 -16.45
N ASN B 230 -5.79 -38.99 -15.23
CA ASN B 230 -5.86 -39.84 -14.04
C ASN B 230 -7.31 -39.86 -13.56
N HIS B 231 -8.04 -40.90 -13.96
CA HIS B 231 -9.48 -40.98 -13.70
C HIS B 231 -9.80 -41.08 -12.21
N GLY B 232 -8.89 -41.64 -11.40
CA GLY B 232 -9.16 -41.76 -9.98
C GLY B 232 -8.92 -40.48 -9.19
N MET B 233 -8.17 -39.54 -9.76
CA MET B 233 -7.78 -38.32 -9.05
C MET B 233 -8.79 -37.18 -9.22
N TRP B 234 -9.72 -37.29 -10.18
CA TRP B 234 -10.58 -36.18 -10.59
C TRP B 234 -11.99 -36.67 -10.91
N ASP B 235 -12.91 -35.73 -11.03
CA ASP B 235 -14.16 -35.93 -11.77
C ASP B 235 -14.93 -37.16 -11.30
N GLN B 236 -15.34 -37.13 -10.01
CA GLN B 236 -16.03 -38.24 -9.35
C GLN B 236 -17.52 -37.94 -9.23
N PRO B 237 -18.37 -38.96 -9.18
CA PRO B 237 -19.82 -38.70 -9.15
C PRO B 237 -20.26 -37.82 -8.00
N GLU B 238 -19.60 -37.90 -6.84
CA GLU B 238 -20.02 -37.16 -5.65
C GLU B 238 -19.92 -35.66 -5.84
N VAL B 239 -19.14 -35.20 -6.81
CA VAL B 239 -18.98 -33.75 -6.96
C VAL B 239 -20.27 -33.11 -7.47
N HIS B 240 -21.13 -33.87 -8.13
CA HIS B 240 -22.39 -33.29 -8.59
C HIS B 240 -23.40 -33.12 -7.46
N ASP B 241 -23.34 -33.98 -6.43
CA ASP B 241 -24.09 -33.69 -5.21
C ASP B 241 -23.62 -32.38 -4.59
N LEU B 242 -22.30 -32.15 -4.59
CA LEU B 242 -21.79 -30.90 -4.05
C LEU B 242 -22.36 -29.71 -4.81
N TYR B 243 -22.33 -29.76 -6.14
CA TYR B 243 -22.76 -28.59 -6.89
C TYR B 243 -24.27 -28.42 -6.86
N ARG B 244 -25.03 -29.51 -6.71
CA ARG B 244 -26.46 -29.35 -6.45
C ARG B 244 -26.69 -28.60 -5.12
N SER B 245 -25.88 -28.87 -4.10
CA SER B 245 -26.08 -28.17 -2.84
C SER B 245 -25.68 -26.70 -2.94
N TRP B 246 -24.57 -26.40 -3.63
CA TRP B 246 -24.18 -25.00 -3.80
C TRP B 246 -25.20 -24.23 -4.62
N ARG B 247 -25.71 -24.84 -5.70
CA ARG B 247 -26.70 -24.18 -6.54
C ARG B 247 -27.97 -23.88 -5.75
N ALA B 248 -28.44 -24.85 -4.95
CA ALA B 248 -29.60 -24.61 -4.11
C ALA B 248 -29.35 -23.48 -3.14
N LEU B 249 -28.14 -23.42 -2.57
CA LEU B 249 -27.78 -22.33 -1.66
C LEU B 249 -27.83 -20.98 -2.37
N GLY B 250 -27.22 -20.89 -3.55
CA GLY B 250 -27.21 -19.62 -4.26
C GLY B 250 -28.56 -19.22 -4.82
N ASP B 251 -29.42 -20.20 -5.10
CA ASP B 251 -30.75 -19.87 -5.64
C ASP B 251 -31.70 -19.32 -4.57
N ALA B 252 -31.29 -19.28 -3.30
CA ALA B 252 -32.10 -18.66 -2.27
C ALA B 252 -32.11 -17.13 -2.39
N TYR B 253 -31.09 -16.56 -3.02
CA TYR B 253 -30.92 -15.12 -3.10
C TYR B 253 -31.71 -14.55 -4.27
N GLU B 254 -31.92 -13.24 -4.25
CA GLU B 254 -32.59 -12.52 -5.32
C GLU B 254 -31.78 -11.30 -5.73
N PRO B 255 -31.28 -11.25 -6.97
CA PRO B 255 -31.28 -12.35 -7.96
C PRO B 255 -30.44 -13.52 -7.47
N GLU B 256 -30.64 -14.69 -8.09
CA GLU B 256 -29.89 -15.87 -7.71
C GLU B 256 -28.40 -15.65 -7.93
N LYS B 257 -27.58 -16.31 -7.13
CA LYS B 257 -26.14 -16.21 -7.33
C LYS B 257 -25.72 -17.04 -8.53
N TYR B 258 -24.48 -16.83 -8.97
CA TYR B 258 -23.98 -17.38 -10.23
C TYR B 258 -22.72 -18.18 -9.96
N PHE B 259 -22.62 -19.37 -10.57
CA PHE B 259 -21.42 -20.20 -10.46
C PHE B 259 -20.90 -20.55 -11.85
N VAL B 260 -19.63 -20.27 -12.11
CA VAL B 260 -18.94 -20.68 -13.33
C VAL B 260 -17.75 -21.56 -12.94
N GLY B 261 -17.67 -22.75 -13.54
CA GLY B 261 -16.65 -23.71 -13.15
C GLY B 261 -15.42 -23.66 -14.03
N GLU B 262 -14.25 -23.80 -13.40
CA GLU B 262 -12.99 -24.06 -14.09
C GLU B 262 -12.84 -25.57 -14.16
N ILE B 263 -13.21 -26.15 -15.30
CA ILE B 263 -13.30 -27.61 -15.46
C ILE B 263 -12.34 -28.04 -16.55
N TRP B 264 -11.43 -28.95 -16.21
CA TRP B 264 -10.50 -29.56 -17.16
C TRP B 264 -10.74 -31.07 -17.14
N VAL B 265 -11.58 -31.57 -18.03
CA VAL B 265 -11.77 -33.02 -18.18
C VAL B 265 -11.71 -33.35 -19.67
N PRO B 266 -11.29 -34.56 -20.06
CA PRO B 266 -11.18 -34.86 -21.50
C PRO B 266 -12.51 -35.11 -22.20
N SER B 267 -13.53 -35.58 -21.48
CA SER B 267 -14.75 -36.03 -22.16
C SER B 267 -15.82 -34.95 -22.13
N PRO B 268 -16.42 -34.60 -23.27
CA PRO B 268 -17.55 -33.66 -23.25
C PRO B 268 -18.77 -34.18 -22.49
N ASP B 269 -18.99 -35.50 -22.45
CA ASP B 269 -20.08 -36.04 -21.64
C ASP B 269 -19.87 -35.75 -20.17
N ARG B 270 -18.63 -35.89 -19.69
CA ARG B 270 -18.36 -35.59 -18.29
C ARG B 270 -18.51 -34.11 -18.00
N LEU B 271 -18.07 -33.26 -18.92
CA LEU B 271 -18.25 -31.82 -18.73
C LEU B 271 -19.72 -31.44 -18.66
N ALA B 272 -20.56 -32.04 -19.52
CA ALA B 272 -21.97 -31.65 -19.58
C ALA B 272 -22.70 -31.94 -18.28
N ASP B 273 -22.27 -32.95 -17.52
CA ASP B 273 -22.95 -33.24 -16.25
C ASP B 273 -22.81 -32.08 -15.27
N TYR B 274 -21.69 -31.36 -15.31
CA TYR B 274 -21.52 -30.20 -14.44
C TYR B 274 -22.49 -29.08 -14.77
N LEU B 275 -23.06 -29.08 -15.97
CA LEU B 275 -23.88 -27.99 -16.49
C LEU B 275 -25.36 -28.31 -16.50
N ARG B 276 -25.78 -29.39 -15.83
CA ARG B 276 -27.20 -29.71 -15.76
C ARG B 276 -27.96 -28.59 -15.02
N PRO B 277 -29.28 -28.47 -15.24
CA PRO B 277 -29.99 -27.27 -14.77
C PRO B 277 -29.95 -27.05 -13.28
N ASP B 278 -29.60 -28.05 -12.47
CA ASP B 278 -29.53 -27.89 -11.03
C ASP B 278 -28.10 -27.90 -10.50
N GLU B 279 -27.13 -27.67 -11.39
CA GLU B 279 -25.74 -27.59 -10.95
C GLU B 279 -25.15 -26.24 -11.36
N LEU B 280 -24.02 -26.26 -12.07
CA LEU B 280 -23.32 -25.01 -12.39
C LEU B 280 -23.99 -24.27 -13.55
N HIS B 281 -23.99 -22.93 -13.47
CA HIS B 281 -24.57 -22.14 -14.56
C HIS B 281 -23.74 -22.24 -15.83
N ASN B 282 -22.42 -22.36 -15.70
CA ASN B 282 -21.56 -22.38 -16.88
C ASN B 282 -20.20 -22.94 -16.50
N ALA B 283 -19.33 -23.03 -17.51
CA ALA B 283 -17.95 -23.46 -17.35
C ALA B 283 -17.18 -22.89 -18.52
N PHE B 284 -15.91 -22.57 -18.28
CA PHE B 284 -15.12 -22.00 -19.36
C PHE B 284 -15.01 -22.97 -20.51
N SER B 285 -15.13 -22.43 -21.73
CA SER B 285 -14.98 -23.24 -22.94
C SER B 285 -13.51 -23.24 -23.34
N PHE B 286 -12.75 -24.15 -22.74
CA PHE B 286 -11.29 -24.16 -22.88
C PHE B 286 -10.83 -24.73 -24.22
N ASP B 287 -11.68 -25.46 -24.94
CA ASP B 287 -11.25 -26.00 -26.24
C ASP B 287 -10.76 -24.88 -27.16
N LEU B 288 -11.50 -23.77 -27.21
CA LEU B 288 -11.10 -22.67 -28.07
C LEU B 288 -9.80 -22.01 -27.57
N LEU B 289 -9.66 -21.87 -26.25
CA LEU B 289 -8.45 -21.24 -25.71
C LEU B 289 -7.19 -21.99 -26.11
N VAL B 290 -7.25 -23.31 -26.27
CA VAL B 290 -6.02 -24.07 -26.48
C VAL B 290 -5.71 -24.29 -27.95
N GLN B 291 -6.50 -23.74 -28.88
CA GLN B 291 -6.26 -23.96 -30.29
C GLN B 291 -5.19 -23.02 -30.85
N PRO B 292 -4.38 -23.47 -31.80
CA PRO B 292 -3.51 -22.57 -32.54
C PRO B 292 -4.32 -21.75 -33.54
N TRP B 293 -3.67 -20.78 -34.16
CA TRP B 293 -4.31 -19.98 -35.21
C TRP B 293 -4.60 -20.89 -36.41
N ASN B 294 -5.85 -21.32 -36.54
CA ASN B 294 -6.24 -22.23 -37.61
C ASN B 294 -7.75 -22.24 -37.73
N ALA B 295 -8.26 -21.92 -38.93
CA ALA B 295 -9.70 -21.78 -39.11
C ALA B 295 -10.45 -23.05 -38.75
N ASP B 296 -9.96 -24.19 -39.25
CA ASP B 296 -10.64 -25.45 -38.96
C ASP B 296 -10.64 -25.76 -37.47
N ARG B 297 -9.50 -25.55 -36.80
CA ARG B 297 -9.43 -25.82 -35.38
C ARG B 297 -10.30 -24.86 -34.57
N PHE B 298 -10.36 -23.59 -34.96
CA PHE B 298 -11.24 -22.63 -34.28
C PHE B 298 -12.71 -23.04 -34.42
N ARG B 299 -13.16 -23.31 -35.64
CA ARG B 299 -14.56 -23.65 -35.84
C ARG B 299 -14.95 -24.90 -35.05
N LYS B 300 -14.13 -25.94 -35.08
CA LYS B 300 -14.46 -27.16 -34.36
C LYS B 300 -14.53 -26.94 -32.85
N ALA B 301 -13.65 -26.10 -32.32
CA ALA B 301 -13.71 -25.77 -30.89
C ALA B 301 -14.96 -24.96 -30.57
N ILE B 302 -15.36 -24.06 -31.47
CA ILE B 302 -16.59 -23.29 -31.26
C ILE B 302 -17.80 -24.20 -31.29
N GLU B 303 -17.88 -25.08 -32.29
CA GLU B 303 -18.98 -26.04 -32.36
C GLU B 303 -19.05 -26.90 -31.11
N THR B 304 -17.89 -27.38 -30.64
CA THR B 304 -17.84 -28.19 -29.42
C THR B 304 -18.36 -27.43 -28.21
N GLY B 305 -17.95 -26.15 -28.08
CA GLY B 305 -18.39 -25.37 -26.94
C GLY B 305 -19.88 -25.11 -26.95
N LEU B 306 -20.43 -24.83 -28.13
CA LEU B 306 -21.87 -24.56 -28.23
C LEU B 306 -22.69 -25.80 -27.96
N ALA B 307 -22.18 -26.98 -28.29
CA ALA B 307 -22.98 -28.20 -28.18
C ALA B 307 -23.06 -28.70 -26.75
N VAL B 308 -21.98 -28.56 -25.98
CA VAL B 308 -22.06 -28.93 -24.57
C VAL B 308 -22.65 -27.79 -23.76
N GLY B 309 -22.24 -26.56 -24.06
CA GLY B 309 -22.64 -25.39 -23.32
C GLY B 309 -24.08 -24.94 -23.50
N ARG B 310 -24.93 -25.82 -24.02
CA ARG B 310 -26.37 -25.59 -24.13
C ARG B 310 -26.70 -24.28 -24.83
N GLY B 311 -25.75 -23.75 -25.60
CA GLY B 311 -25.99 -22.62 -26.47
C GLY B 311 -25.32 -21.34 -26.04
N TRP B 312 -24.97 -21.19 -24.77
CA TRP B 312 -24.41 -19.94 -24.24
C TRP B 312 -23.18 -20.21 -23.38
N PRO B 313 -22.08 -20.61 -24.00
CA PRO B 313 -20.86 -20.92 -23.24
C PRO B 313 -20.23 -19.68 -22.64
N ALA B 314 -19.29 -19.93 -21.73
CA ALA B 314 -18.40 -18.91 -21.17
C ALA B 314 -17.09 -18.97 -21.96
N TRP B 315 -16.92 -18.07 -22.93
CA TRP B 315 -15.72 -18.08 -23.76
C TRP B 315 -14.58 -17.35 -23.08
N THR B 316 -13.36 -17.79 -23.40
CA THR B 316 -12.18 -17.05 -22.95
C THR B 316 -11.01 -17.41 -23.85
N LEU B 317 -10.14 -16.42 -24.09
CA LEU B 317 -8.96 -16.61 -24.90
C LEU B 317 -7.67 -16.53 -24.10
N ALA B 318 -7.76 -16.21 -22.81
CA ALA B 318 -6.55 -16.14 -21.98
C ALA B 318 -6.97 -16.05 -20.52
N ASN B 319 -6.03 -16.40 -19.64
CA ASN B 319 -6.22 -16.22 -18.20
C ASN B 319 -4.84 -16.20 -17.56
N HIS B 320 -4.81 -16.24 -16.24
CA HIS B 320 -3.58 -16.11 -15.45
C HIS B 320 -2.74 -17.37 -15.43
N ASP B 321 -3.16 -18.41 -16.16
CA ASP B 321 -2.47 -19.70 -16.19
C ASP B 321 -1.81 -20.02 -17.53
N VAL B 322 -2.05 -19.23 -18.56
CA VAL B 322 -1.61 -19.55 -19.92
C VAL B 322 -0.92 -18.35 -20.52
N HIS B 323 -0.19 -18.59 -21.61
CA HIS B 323 0.47 -17.48 -22.32
C HIS B 323 -0.55 -16.53 -22.93
N ARG B 324 -0.23 -15.23 -22.89
CA ARG B 324 -1.07 -14.21 -23.51
C ARG B 324 -1.27 -14.48 -25.00
N ALA B 325 -2.44 -14.07 -25.52
CA ALA B 325 -2.82 -14.44 -26.88
C ALA B 325 -1.85 -13.88 -27.92
N VAL B 326 -1.36 -12.67 -27.71
CA VAL B 326 -0.41 -12.08 -28.66
C VAL B 326 0.80 -12.99 -28.83
N THR B 327 1.22 -13.64 -27.75
CA THR B 327 2.36 -14.56 -27.84
C THR B 327 1.95 -15.90 -28.43
N ARG B 328 0.80 -16.44 -28.01
CA ARG B 328 0.37 -17.73 -28.57
C ARG B 328 0.21 -17.64 -30.08
N TYR B 329 -0.37 -16.56 -30.58
CA TYR B 329 -0.66 -16.45 -32.00
C TYR B 329 0.53 -15.96 -32.84
N GLY B 330 1.58 -15.46 -32.20
CA GLY B 330 2.81 -15.13 -32.89
C GLY B 330 3.67 -16.32 -33.27
N GLN B 331 3.23 -17.53 -32.90
CA GLN B 331 3.75 -18.88 -33.25
C GLN B 331 4.45 -19.51 -32.04
N ASP B 354 6.66 -13.20 -33.29
CA ASP B 354 6.54 -11.95 -34.05
C ASP B 354 5.41 -11.07 -33.50
N LEU B 355 5.79 -9.89 -33.02
CA LEU B 355 4.81 -9.01 -32.36
C LEU B 355 3.72 -8.54 -33.31
N ASP B 356 4.11 -8.14 -34.53
CA ASP B 356 3.11 -7.66 -35.47
C ASP B 356 2.12 -8.76 -35.82
N ARG B 357 2.61 -9.97 -36.06
CA ARG B 357 1.72 -11.08 -36.40
C ARG B 357 0.82 -11.45 -35.22
N GLY B 358 1.39 -11.51 -34.02
CA GLY B 358 0.58 -11.86 -32.86
C GLY B 358 -0.50 -10.84 -32.57
N LEU B 359 -0.20 -9.56 -32.78
CA LEU B 359 -1.19 -8.51 -32.53
C LEU B 359 -2.33 -8.59 -33.52
N ARG B 360 -2.00 -8.75 -34.81
CA ARG B 360 -3.04 -8.84 -35.84
C ARG B 360 -3.98 -9.99 -35.55
N ARG B 361 -3.44 -11.15 -35.17
CA ARG B 361 -4.28 -12.31 -34.91
C ARG B 361 -5.02 -12.19 -33.59
N ALA B 362 -4.40 -11.60 -32.57
CA ALA B 362 -5.12 -11.38 -31.31
C ALA B 362 -6.30 -10.45 -31.52
N ARG B 363 -6.11 -9.41 -32.35
CA ARG B 363 -7.20 -8.50 -32.67
C ARG B 363 -8.35 -9.24 -33.35
N ALA B 364 -8.03 -10.08 -34.33
CA ALA B 364 -9.05 -10.82 -35.05
C ALA B 364 -9.71 -11.85 -34.14
N ALA B 365 -8.94 -12.50 -33.26
CA ALA B 365 -9.50 -13.50 -32.37
C ALA B 365 -10.43 -12.86 -31.35
N ALA B 366 -10.04 -11.71 -30.79
CA ALA B 366 -10.92 -11.01 -29.86
C ALA B 366 -12.24 -10.62 -30.54
N ALA B 367 -12.15 -10.12 -31.78
CA ALA B 367 -13.37 -9.70 -32.49
C ALA B 367 -14.24 -10.91 -32.83
N LEU B 368 -13.65 -12.08 -33.04
CA LEU B 368 -14.44 -13.27 -33.32
C LEU B 368 -15.14 -13.77 -32.05
N ALA B 369 -14.39 -13.95 -30.97
CA ALA B 369 -14.97 -14.52 -29.75
C ALA B 369 -16.03 -13.61 -29.14
N LEU B 370 -15.87 -12.29 -29.25
CA LEU B 370 -16.90 -11.40 -28.70
C LEU B 370 -18.18 -11.41 -29.54
N ALA B 371 -18.18 -12.06 -30.69
CA ALA B 371 -19.39 -12.25 -31.48
C ALA B 371 -20.07 -13.58 -31.22
N LEU B 372 -19.49 -14.44 -30.40
CA LEU B 372 -20.10 -15.73 -30.14
C LEU B 372 -21.22 -15.61 -29.10
N PRO B 373 -22.30 -16.37 -29.25
CA PRO B 373 -23.36 -16.34 -28.24
C PRO B 373 -22.85 -16.85 -26.90
N GLY B 374 -23.26 -16.15 -25.83
CA GLY B 374 -22.85 -16.50 -24.48
C GLY B 374 -22.07 -15.35 -23.85
N SER B 375 -21.19 -15.72 -22.92
CA SER B 375 -20.44 -14.76 -22.14
C SER B 375 -18.97 -14.78 -22.54
N MET B 376 -18.24 -13.73 -22.20
CA MET B 376 -16.84 -13.61 -22.56
C MET B 376 -16.04 -13.16 -21.35
N TYR B 377 -14.94 -13.84 -21.07
CA TYR B 377 -14.06 -13.47 -19.97
C TYR B 377 -12.78 -12.88 -20.54
N LEU B 378 -12.51 -11.62 -20.21
CA LEU B 378 -11.35 -10.88 -20.68
C LEU B 378 -10.33 -10.84 -19.57
N TYR B 379 -9.13 -11.38 -19.82
CA TYR B 379 -8.06 -11.36 -18.84
C TYR B 379 -7.34 -10.02 -18.87
N GLN B 380 -7.10 -9.41 -17.70
CA GLN B 380 -6.51 -8.09 -17.64
C GLN B 380 -5.23 -8.06 -18.46
N GLY B 381 -5.07 -6.99 -19.24
CA GLY B 381 -3.94 -6.84 -20.12
C GLY B 381 -4.15 -7.36 -21.52
N GLU B 382 -5.10 -8.27 -21.72
CA GLU B 382 -5.36 -8.69 -23.10
C GLU B 382 -5.96 -7.57 -23.92
N GLU B 383 -6.78 -6.69 -23.29
CA GLU B 383 -7.32 -5.53 -23.98
C GLU B 383 -6.24 -4.53 -24.35
N LEU B 384 -5.02 -4.67 -23.82
CA LEU B 384 -3.88 -3.86 -24.22
C LEU B 384 -3.01 -4.55 -25.26
N GLY B 385 -3.30 -5.79 -25.60
CA GLY B 385 -2.43 -6.56 -26.48
C GLY B 385 -1.06 -6.83 -25.91
N LEU B 386 -0.95 -7.01 -24.60
CA LEU B 386 0.35 -7.29 -24.01
C LEU B 386 0.86 -8.65 -24.52
N PRO B 387 2.15 -8.76 -24.80
CA PRO B 387 2.75 -10.08 -25.00
C PRO B 387 3.12 -10.70 -23.66
N GLU B 388 3.31 -12.03 -23.70
CA GLU B 388 3.90 -12.74 -22.58
C GLU B 388 5.34 -12.27 -22.39
N VAL B 389 5.76 -12.13 -21.13
CA VAL B 389 7.14 -11.75 -20.83
C VAL B 389 7.88 -13.04 -20.53
N LEU B 390 8.50 -13.60 -21.58
CA LEU B 390 9.19 -14.88 -21.46
C LEU B 390 10.62 -14.75 -20.96
N ASP B 391 11.21 -13.55 -21.01
CA ASP B 391 12.61 -13.37 -20.62
C ASP B 391 12.73 -12.75 -19.23
N LEU B 392 12.13 -13.42 -18.25
CA LEU B 392 12.36 -12.95 -16.89
C LEU B 392 13.66 -13.54 -16.34
N PRO B 393 14.42 -12.80 -15.56
CA PRO B 393 15.60 -13.39 -14.92
C PRO B 393 15.20 -14.52 -13.99
N ASP B 394 16.08 -15.52 -13.88
CA ASP B 394 15.82 -16.70 -13.05
C ASP B 394 15.38 -16.29 -11.64
N ALA B 395 16.10 -15.35 -11.04
CA ALA B 395 15.85 -14.98 -9.66
C ALA B 395 14.50 -14.28 -9.47
N ALA B 396 13.90 -13.77 -10.55
CA ALA B 396 12.65 -13.05 -10.43
C ALA B 396 11.43 -13.96 -10.44
N ARG B 397 11.56 -15.19 -10.93
CA ARG B 397 10.39 -16.05 -11.05
C ARG B 397 9.92 -16.52 -9.69
N GLN B 398 8.60 -16.61 -9.53
CA GLN B 398 8.01 -16.97 -8.25
C GLN B 398 7.01 -18.12 -8.34
N ASP B 399 6.52 -18.45 -9.54
CA ASP B 399 5.59 -19.56 -9.73
C ASP B 399 6.18 -20.85 -9.16
N PRO B 400 5.46 -21.59 -8.30
CA PRO B 400 5.97 -22.90 -7.87
C PRO B 400 6.33 -23.84 -9.01
N ILE B 401 5.70 -23.70 -10.18
CA ILE B 401 6.05 -24.53 -11.33
C ILE B 401 7.51 -24.37 -11.69
N TRP B 402 8.04 -23.15 -11.55
CA TRP B 402 9.44 -22.91 -11.89
C TRP B 402 10.38 -23.69 -10.97
N THR B 403 10.13 -23.66 -9.65
CA THR B 403 11.03 -24.36 -8.75
C THR B 403 10.78 -25.86 -8.72
N ARG B 404 9.51 -26.30 -8.80
CA ARG B 404 9.24 -27.73 -8.72
C ARG B 404 9.76 -28.46 -9.95
N SER B 405 9.90 -27.78 -11.08
CA SER B 405 10.39 -28.39 -12.30
C SER B 405 11.90 -28.27 -12.47
N ASN B 406 12.60 -27.71 -11.49
CA ASN B 406 14.03 -27.46 -11.59
C ASN B 406 14.34 -26.62 -12.83
N GLY B 407 13.52 -25.60 -13.07
CA GLY B 407 13.74 -24.68 -14.17
C GLY B 407 13.43 -25.21 -15.55
N THR B 408 12.93 -26.44 -15.67
CA THR B 408 12.59 -27.00 -16.98
C THR B 408 11.22 -26.55 -17.48
N GLU B 409 10.39 -25.94 -16.63
CA GLU B 409 9.12 -25.35 -17.04
C GLU B 409 9.10 -23.92 -16.56
N LEU B 410 8.85 -22.97 -17.48
CA LEU B 410 8.97 -21.56 -17.14
C LEU B 410 7.93 -21.13 -16.12
N GLY B 411 6.73 -21.67 -16.21
CA GLY B 411 5.64 -21.22 -15.35
C GLY B 411 4.88 -20.04 -15.93
N ARG B 412 4.13 -19.39 -15.04
CA ARG B 412 3.07 -18.46 -15.42
C ARG B 412 3.39 -17.00 -15.12
N ASP B 413 4.59 -16.69 -14.63
CA ASP B 413 4.86 -15.31 -14.21
C ASP B 413 4.78 -14.32 -15.37
N GLY B 414 5.03 -14.80 -16.59
CA GLY B 414 5.08 -13.91 -17.74
C GLY B 414 3.76 -13.26 -18.09
N CYS B 415 2.64 -13.81 -17.62
CA CYS B 415 1.34 -13.21 -17.87
C CYS B 415 0.81 -12.46 -16.64
N ARG B 416 1.63 -12.36 -15.59
CA ARG B 416 1.24 -11.76 -14.32
C ARG B 416 2.04 -10.50 -14.02
N ILE B 417 2.68 -9.93 -15.03
CA ILE B 417 3.48 -8.72 -14.84
C ILE B 417 2.55 -7.55 -14.55
N PRO B 418 2.85 -6.72 -13.56
CA PRO B 418 2.05 -5.50 -13.30
C PRO B 418 1.79 -4.67 -14.55
N LEU B 419 0.54 -4.26 -14.71
CA LEU B 419 0.07 -3.64 -15.95
C LEU B 419 0.63 -2.24 -16.14
N PRO B 420 0.87 -1.83 -17.38
CA PRO B 420 1.18 -0.43 -17.66
C PRO B 420 -0.08 0.41 -17.83
N TRP B 421 -0.15 1.53 -17.08
CA TRP B 421 -1.25 2.48 -17.14
C TRP B 421 -0.89 3.76 -17.88
N THR B 422 0.36 4.19 -17.80
CA THR B 422 0.81 5.43 -18.42
C THR B 422 2.19 5.18 -19.03
N ARG B 423 2.53 5.95 -20.07
CA ARG B 423 3.87 5.82 -20.64
C ARG B 423 4.93 6.29 -19.66
N GLU B 424 4.65 7.37 -18.94
CA GLU B 424 5.53 7.95 -17.95
C GLU B 424 5.46 7.18 -16.63
N GLY B 425 6.44 7.44 -15.76
CA GLY B 425 6.45 6.86 -14.43
C GLY B 425 7.42 5.68 -14.33
N ARG B 426 7.97 5.48 -13.14
CA ARG B 426 8.97 4.42 -12.99
C ARG B 426 8.33 3.03 -13.07
N THR B 427 7.05 2.92 -12.72
CA THR B 427 6.29 1.68 -12.87
C THR B 427 5.16 1.82 -13.89
N PHE B 428 5.27 2.79 -14.81
CA PHE B 428 4.27 2.98 -15.86
C PHE B 428 2.87 3.19 -15.30
N GLY B 429 2.78 3.90 -14.16
CA GLY B 429 1.48 4.20 -13.60
C GLY B 429 0.82 3.07 -12.84
N PHE B 430 1.46 1.89 -12.74
CA PHE B 430 0.97 0.85 -11.83
C PHE B 430 0.96 1.37 -10.40
N SER B 431 1.90 2.26 -10.10
CA SER B 431 2.02 2.93 -8.82
C SER B 431 2.76 4.23 -9.04
N ASP B 432 3.06 4.96 -7.96
CA ASP B 432 3.95 6.11 -8.05
C ASP B 432 5.36 5.79 -7.54
N ALA B 433 5.70 4.52 -7.40
CA ALA B 433 6.89 4.04 -6.70
C ALA B 433 8.00 3.70 -7.68
N ALA B 434 9.15 3.28 -7.13
CA ALA B 434 10.30 2.89 -7.94
C ALA B 434 10.08 1.54 -8.60
N ALA B 435 10.82 1.32 -9.68
CA ALA B 435 10.69 0.07 -10.43
C ALA B 435 11.04 -1.14 -9.57
N ALA B 436 12.02 -1.00 -8.69
CA ALA B 436 12.46 -2.13 -7.87
C ALA B 436 11.40 -2.59 -6.89
N THR B 437 10.31 -1.84 -6.70
CA THR B 437 9.28 -2.29 -5.79
C THR B 437 8.41 -3.39 -6.39
N THR B 438 8.15 -3.38 -7.70
CA THR B 438 7.07 -4.21 -8.23
C THR B 438 7.39 -5.69 -7.98
N TRP B 439 6.35 -6.44 -7.56
CA TRP B 439 6.57 -7.80 -7.07
C TRP B 439 7.08 -8.72 -8.16
N LEU B 440 6.72 -8.45 -9.41
CA LEU B 440 7.47 -8.97 -10.56
C LEU B 440 7.98 -7.78 -11.36
N PRO B 441 9.15 -7.89 -11.99
CA PRO B 441 9.69 -6.74 -12.72
C PRO B 441 8.98 -6.50 -14.05
N GLN B 442 8.73 -5.22 -14.33
CA GLN B 442 8.18 -4.84 -15.63
C GLN B 442 9.31 -4.60 -16.62
N PRO B 443 9.21 -5.09 -17.84
CA PRO B 443 10.23 -4.78 -18.84
C PRO B 443 10.20 -3.30 -19.18
N ALA B 444 11.37 -2.80 -19.63
CA ALA B 444 11.50 -1.37 -19.87
C ALA B 444 10.60 -0.89 -21.00
N TRP B 445 10.15 -1.79 -21.86
CA TRP B 445 9.30 -1.46 -22.99
C TRP B 445 7.81 -1.53 -22.66
N PHE B 446 7.43 -1.88 -21.43
CA PHE B 446 6.01 -2.01 -21.11
C PHE B 446 5.24 -0.71 -21.30
N GLY B 447 5.90 0.43 -21.10
CA GLY B 447 5.22 1.71 -21.30
C GLY B 447 4.67 1.89 -22.70
N ALA B 448 5.22 1.18 -23.70
CA ALA B 448 4.73 1.25 -25.07
C ALA B 448 3.31 0.72 -25.19
N PHE B 449 2.84 -0.03 -24.20
CA PHE B 449 1.52 -0.63 -24.19
C PHE B 449 0.58 0.06 -23.21
N ALA B 450 0.93 1.26 -22.74
CA ALA B 450 0.21 1.91 -21.65
C ALA B 450 -1.25 2.16 -22.00
N ARG B 451 -2.13 1.97 -21.00
CA ARG B 451 -3.56 2.14 -21.21
C ARG B 451 -3.88 3.56 -21.69
N ALA B 452 -3.22 4.58 -21.12
CA ALA B 452 -3.59 5.96 -21.43
C ALA B 452 -3.24 6.30 -22.88
N THR B 453 -2.12 5.77 -23.37
CA THR B 453 -1.76 5.92 -24.77
C THR B 453 -2.81 5.30 -25.67
N GLN B 454 -3.20 4.06 -25.37
CA GLN B 454 -4.15 3.35 -26.21
C GLN B 454 -5.52 4.00 -26.17
N ALA B 455 -5.92 4.54 -25.02
CA ALA B 455 -7.22 5.18 -24.92
C ALA B 455 -7.34 6.40 -25.83
N ALA B 456 -6.22 7.05 -26.15
CA ALA B 456 -6.23 8.22 -27.01
C ALA B 456 -6.05 7.87 -28.48
N ASP B 457 -6.00 6.58 -28.82
CA ASP B 457 -5.77 6.11 -30.18
C ASP B 457 -6.95 5.27 -30.61
N PRO B 458 -7.81 5.74 -31.52
CA PRO B 458 -8.99 4.95 -31.92
C PRO B 458 -8.67 3.63 -32.61
N ASP B 459 -7.42 3.41 -33.03
CA ASP B 459 -7.04 2.17 -33.70
C ASP B 459 -6.32 1.19 -32.78
N SER B 460 -6.22 1.51 -31.49
CA SER B 460 -5.49 0.67 -30.55
C SER B 460 -6.29 -0.58 -30.21
N MET B 461 -5.59 -1.58 -29.66
CA MET B 461 -6.27 -2.77 -29.14
C MET B 461 -7.32 -2.41 -28.10
N LEU B 462 -7.02 -1.47 -27.21
CA LEU B 462 -8.01 -1.02 -26.23
C LEU B 462 -9.24 -0.45 -26.92
N SER B 463 -9.03 0.39 -27.94
CA SER B 463 -10.15 0.99 -28.64
C SER B 463 -10.95 -0.06 -29.40
N LEU B 464 -10.26 -1.07 -29.97
CA LEU B 464 -10.95 -2.18 -30.60
C LEU B 464 -11.88 -2.89 -29.61
N HIS B 465 -11.40 -3.15 -28.39
CA HIS B 465 -12.26 -3.78 -27.39
C HIS B 465 -13.44 -2.88 -27.03
N ARG B 466 -13.20 -1.58 -26.83
CA ARG B 466 -14.30 -0.67 -26.55
C ARG B 466 -15.34 -0.71 -27.68
N ASP B 467 -14.88 -0.65 -28.93
CA ASP B 467 -15.79 -0.68 -30.05
C ASP B 467 -16.54 -2.01 -30.12
N LEU B 468 -15.84 -3.12 -29.88
CA LEU B 468 -16.50 -4.43 -29.90
C LEU B 468 -17.60 -4.51 -28.85
N LEU B 469 -17.32 -4.07 -27.64
CA LEU B 469 -18.32 -4.21 -26.58
C LEU B 469 -19.52 -3.31 -26.83
N ALA B 470 -19.30 -2.14 -27.40
CA ALA B 470 -20.42 -1.23 -27.69
C ALA B 470 -21.28 -1.78 -28.82
N THR B 471 -20.65 -2.30 -29.87
CA THR B 471 -21.38 -2.85 -31.00
C THR B 471 -22.08 -4.15 -30.65
N ARG B 472 -21.43 -4.97 -29.82
CA ARG B 472 -22.05 -6.22 -29.37
C ARG B 472 -23.35 -5.94 -28.60
N ARG B 473 -23.31 -4.94 -27.71
CA ARG B 473 -24.50 -4.56 -26.94
C ARG B 473 -25.59 -4.00 -27.86
N THR B 474 -25.21 -3.22 -28.87
CA THR B 474 -26.19 -2.57 -29.74
C THR B 474 -26.81 -3.54 -30.74
N HIS B 475 -26.02 -4.42 -31.34
CA HIS B 475 -26.45 -5.13 -32.53
C HIS B 475 -26.68 -6.62 -32.34
N LEU B 476 -26.25 -7.21 -31.23
CA LEU B 476 -26.40 -8.64 -31.03
C LEU B 476 -27.30 -8.93 -29.83
N ARG B 477 -27.99 -10.06 -29.88
CA ARG B 477 -28.83 -10.52 -28.78
C ARG B 477 -28.49 -11.96 -28.47
N GLY B 478 -28.41 -12.29 -27.18
CA GLY B 478 -28.11 -13.66 -26.78
C GLY B 478 -29.10 -14.67 -27.32
N THR B 479 -30.28 -14.22 -27.70
CA THR B 479 -31.28 -15.12 -28.27
C THR B 479 -31.02 -15.43 -29.74
N GLU B 480 -29.96 -14.88 -30.33
CA GLU B 480 -29.67 -15.13 -31.74
C GLU B 480 -28.59 -16.19 -31.86
N PRO B 481 -28.92 -17.41 -32.26
CA PRO B 481 -27.89 -18.45 -32.36
C PRO B 481 -27.05 -18.30 -33.62
N ILE B 482 -25.90 -18.97 -33.62
CA ILE B 482 -25.03 -18.96 -34.79
C ILE B 482 -25.67 -19.76 -35.91
N VAL B 483 -25.68 -19.17 -37.12
CA VAL B 483 -26.04 -19.84 -38.36
C VAL B 483 -24.80 -19.86 -39.22
N TRP B 484 -24.18 -21.04 -39.38
CA TRP B 484 -22.93 -21.11 -40.14
C TRP B 484 -23.18 -20.85 -41.62
N LEU B 485 -22.32 -20.01 -42.22
CA LEU B 485 -22.37 -19.68 -43.64
C LEU B 485 -21.24 -20.29 -44.44
N SER B 486 -20.04 -20.38 -43.86
CA SER B 486 -18.90 -20.95 -44.55
C SER B 486 -18.95 -22.48 -44.48
N PRO B 487 -18.36 -23.17 -45.45
CA PRO B 487 -18.28 -24.62 -45.37
C PRO B 487 -17.21 -25.06 -44.38
N ALA B 488 -17.45 -26.22 -43.76
CA ALA B 488 -16.43 -26.82 -42.91
C ALA B 488 -15.13 -27.00 -43.71
N GLY B 489 -14.00 -26.65 -43.07
CA GLY B 489 -12.70 -26.85 -43.66
C GLY B 489 -12.09 -25.66 -44.35
N ALA B 490 -12.85 -24.57 -44.52
CA ALA B 490 -12.34 -23.42 -45.24
C ALA B 490 -11.43 -22.58 -44.35
N GLU B 491 -10.53 -21.81 -44.99
CA GLU B 491 -9.70 -20.87 -44.27
C GLU B 491 -10.46 -19.62 -43.87
N VAL B 492 -11.70 -19.46 -44.33
CA VAL B 492 -12.54 -18.31 -44.00
C VAL B 492 -13.74 -18.83 -43.22
N LEU B 493 -13.87 -18.37 -41.97
CA LEU B 493 -14.95 -18.76 -41.08
C LEU B 493 -16.03 -17.67 -41.12
N ALA B 494 -17.28 -18.06 -41.32
CA ALA B 494 -18.34 -17.06 -41.47
C ALA B 494 -19.65 -17.59 -40.88
N PHE B 495 -20.38 -16.70 -40.21
CA PHE B 495 -21.70 -17.07 -39.69
C PHE B 495 -22.58 -15.84 -39.57
N ARG B 496 -23.87 -16.11 -39.44
CA ARG B 496 -24.89 -15.09 -39.20
C ARG B 496 -25.44 -15.24 -37.79
N ARG B 497 -25.67 -14.12 -37.13
CA ARG B 497 -26.51 -14.05 -35.93
C ARG B 497 -27.50 -12.91 -36.13
N GLY B 498 -28.79 -13.23 -36.25
CA GLY B 498 -29.77 -12.16 -36.44
C GLY B 498 -29.50 -11.41 -37.73
N ASP B 499 -29.33 -10.10 -37.62
CA ASP B 499 -29.02 -9.26 -38.77
C ASP B 499 -27.53 -8.95 -38.89
N VAL B 500 -26.66 -9.73 -38.24
CA VAL B 500 -25.22 -9.50 -38.27
C VAL B 500 -24.55 -10.70 -38.91
N VAL B 501 -23.57 -10.45 -39.79
CA VAL B 501 -22.74 -11.48 -40.39
C VAL B 501 -21.30 -11.22 -39.96
N VAL B 502 -20.64 -12.27 -39.48
CA VAL B 502 -19.28 -12.22 -38.96
C VAL B 502 -18.39 -13.07 -39.86
N VAL B 503 -17.27 -12.51 -40.31
CA VAL B 503 -16.32 -13.25 -41.14
C VAL B 503 -14.93 -13.10 -40.52
N THR B 504 -14.26 -14.22 -40.29
CA THR B 504 -12.85 -14.21 -39.91
C THR B 504 -12.03 -14.92 -40.98
N ASN B 505 -11.16 -14.18 -41.65
CA ASN B 505 -10.28 -14.71 -42.68
C ASN B 505 -8.97 -15.12 -42.01
N PHE B 506 -8.78 -16.43 -41.82
CA PHE B 506 -7.56 -16.93 -41.21
C PHE B 506 -6.39 -16.99 -42.18
N GLY B 507 -6.64 -16.87 -43.49
CA GLY B 507 -5.64 -17.15 -44.49
C GLY B 507 -4.86 -15.91 -44.91
N SER B 508 -4.05 -16.10 -45.94
CA SER B 508 -3.21 -15.04 -46.48
C SER B 508 -3.82 -14.34 -47.70
N ALA B 509 -4.93 -14.85 -48.21
CA ALA B 509 -5.58 -14.28 -49.38
C ALA B 509 -6.79 -13.44 -48.97
N PRO B 510 -7.00 -12.29 -49.60
CA PRO B 510 -8.23 -11.54 -49.39
C PRO B 510 -9.45 -12.38 -49.77
N PHE B 511 -10.61 -11.92 -49.32
CA PHE B 511 -11.84 -12.70 -49.44
C PHE B 511 -13.01 -11.76 -49.71
N THR B 512 -13.72 -12.00 -50.80
CA THR B 512 -14.97 -11.30 -51.05
C THR B 512 -16.12 -12.23 -50.64
N PRO B 513 -16.97 -11.83 -49.70
CA PRO B 513 -18.14 -12.64 -49.38
C PRO B 513 -18.99 -12.85 -50.61
N PRO B 514 -19.50 -14.06 -50.80
CA PRO B 514 -20.39 -14.32 -51.94
C PRO B 514 -21.70 -13.58 -51.78
N SER B 515 -22.25 -13.14 -52.93
CA SER B 515 -23.48 -12.35 -52.92
C SER B 515 -24.65 -13.12 -52.33
N ALA B 516 -24.59 -14.45 -52.31
CA ALA B 516 -25.70 -15.24 -51.79
C ALA B 516 -25.92 -15.02 -50.29
N TRP B 517 -24.90 -14.60 -49.55
CA TRP B 517 -25.08 -14.32 -48.13
C TRP B 517 -25.90 -13.06 -47.86
N GLY B 518 -26.24 -12.30 -48.88
CA GLY B 518 -26.95 -11.04 -48.73
C GLY B 518 -26.02 -9.84 -48.81
N ALA B 519 -26.62 -8.67 -49.02
CA ALA B 519 -25.85 -7.43 -49.08
C ALA B 519 -25.36 -7.05 -47.68
N LEU B 520 -24.10 -6.65 -47.58
CA LEU B 520 -23.45 -6.41 -46.30
C LEU B 520 -22.95 -4.97 -46.18
N SER B 521 -23.19 -4.37 -45.02
CA SER B 521 -22.67 -3.05 -44.66
C SER B 521 -21.76 -3.19 -43.44
N PRO B 522 -20.48 -2.80 -43.52
CA PRO B 522 -19.57 -3.07 -42.39
C PRO B 522 -19.95 -2.30 -41.13
N LEU B 523 -19.78 -2.96 -39.98
CA LEU B 523 -19.96 -2.36 -38.67
C LEU B 523 -18.64 -2.09 -37.96
N LEU B 524 -17.71 -3.04 -38.02
CA LEU B 524 -16.37 -2.85 -37.48
C LEU B 524 -15.48 -3.92 -38.08
N ALA B 525 -14.17 -3.74 -37.90
CA ALA B 525 -13.20 -4.73 -38.34
C ALA B 525 -12.01 -4.69 -37.40
N SER B 526 -11.33 -5.83 -37.28
CA SER B 526 -10.16 -5.95 -36.43
C SER B 526 -8.93 -5.28 -37.03
N GLN B 527 -9.02 -4.81 -38.27
CA GLN B 527 -7.98 -3.95 -38.86
C GLN B 527 -8.65 -2.75 -39.52
N THR B 534 -14.40 -6.44 -49.19
CA THR B 534 -13.47 -7.54 -48.98
C THR B 534 -13.00 -7.63 -47.52
N VAL B 535 -12.71 -8.86 -47.10
CA VAL B 535 -12.19 -9.15 -45.77
C VAL B 535 -10.69 -9.41 -45.92
N PRO B 536 -9.83 -8.53 -45.40
CA PRO B 536 -8.39 -8.68 -45.63
C PRO B 536 -7.82 -9.87 -44.87
N PRO B 537 -6.60 -10.29 -45.22
CA PRO B 537 -5.99 -11.45 -44.54
C PRO B 537 -5.91 -11.26 -43.03
N GLU B 538 -6.14 -12.34 -42.31
CA GLU B 538 -6.01 -12.38 -40.85
C GLU B 538 -6.78 -11.25 -40.19
N THR B 539 -8.04 -11.09 -40.60
CA THR B 539 -8.91 -10.01 -40.15
C THR B 539 -10.31 -10.56 -39.89
N THR B 540 -10.97 -9.98 -38.88
CA THR B 540 -12.37 -10.25 -38.59
C THR B 540 -13.18 -9.01 -38.91
N VAL B 541 -14.29 -9.18 -39.63
CA VAL B 541 -15.20 -8.10 -39.99
C VAL B 541 -16.60 -8.46 -39.51
N TRP B 542 -17.25 -7.51 -38.82
CA TRP B 542 -18.68 -7.59 -38.53
C TRP B 542 -19.42 -6.71 -39.54
N SER B 543 -20.49 -7.25 -40.13
CA SER B 543 -21.27 -6.47 -41.07
C SER B 543 -22.73 -6.57 -40.69
N ARG B 544 -23.50 -5.57 -41.12
CA ARG B 544 -24.95 -5.57 -40.99
C ARG B 544 -25.58 -6.08 -42.28
N LEU B 545 -26.63 -6.88 -42.14
CA LEU B 545 -27.29 -7.49 -43.28
C LEU B 545 -28.64 -6.83 -43.57
#